data_6ODB
#
_entry.id   6ODB
#
_cell.length_a   87.915
_cell.length_b   90.950
_cell.length_c   93.067
_cell.angle_alpha   90.00
_cell.angle_beta   94.10
_cell.angle_gamma   90.00
#
_symmetry.space_group_name_H-M   'P 1 21 1'
#
loop_
_entity.id
_entity.type
_entity.pdbx_description
1 polymer 'Histone deacetylase 8'
2 non-polymer N-{2-[(1E)-3-(hydroxyamino)-3-oxoprop-1-en-1-yl]phenyl}-2-phenoxybenzamide
3 non-polymer 'ZINC ION'
4 non-polymer 'POTASSIUM ION'
5 non-polymer GLYCEROL
6 water water
#
_entity_poly.entity_id   1
_entity_poly.type   'polypeptide(L)'
_entity_poly.pdbx_seq_one_letter_code
;MHHHHHHSSGVDLGTENLYFQSNAMEEPEEPADSGQSLVPVYIYSPEYVSMCDSLAKIPKRASMVHSLIEAYALHKQMRI
VKPKVASMEEMATFHTDAYLQHLQKVSQEGDDDHPDSIEYGLGYDCPATEGIFDYAAAIGGATITAAQCLIDGMCKVAIN
WSGGWHHAKKDEASGFCYLNDAVLGILRLRRKFERILYVDLDLHHGDGVEDAFSFTSKVMTVSLHKFSPGFFPGTGDVSD
VGLGKGRYYSVNVPIQDGIQDEKYYQICESVLKEVYQAFNPKAVVLQLGADTIAGDPMCSFNMTPVGIGKCLKYILQWQL
ATLILGGGGYNLANTARCWTYLTGVILGKTLSSEIPDHEFFTAYGPDYVLEITPSCRPDRNEPHRIQQILNYIKGNLKHV
VIEGRGSHHHHHH
;
_entity_poly.pdbx_strand_id   A,B,C
#
# COMPACT_ATOMS: atom_id res chain seq x y z
N SER A 37 -30.65 -8.96 -11.21
CA SER A 37 -29.57 -8.27 -10.41
C SER A 37 -29.63 -8.56 -8.90
N LEU A 38 -30.70 -9.22 -8.47
CA LEU A 38 -30.76 -9.89 -7.18
C LEU A 38 -30.36 -11.35 -7.38
N VAL A 39 -30.33 -11.86 -8.62
CA VAL A 39 -30.12 -13.29 -8.85
C VAL A 39 -28.64 -13.64 -9.08
N PRO A 40 -28.12 -14.62 -8.32
CA PRO A 40 -26.69 -14.91 -8.42
C PRO A 40 -26.33 -15.44 -9.75
N VAL A 41 -25.16 -15.03 -10.23
CA VAL A 41 -24.55 -15.64 -11.41
C VAL A 41 -23.79 -16.90 -11.04
N TYR A 42 -23.96 -17.91 -11.88
CA TYR A 42 -23.30 -19.19 -11.72
C TYR A 42 -22.47 -19.43 -12.99
N ILE A 43 -21.16 -19.36 -12.85
CA ILE A 43 -20.26 -19.50 -13.99
C ILE A 43 -20.17 -20.98 -14.41
N TYR A 44 -20.70 -21.31 -15.58
CA TYR A 44 -20.75 -22.70 -16.02
C TYR A 44 -20.88 -22.94 -17.53
N SER A 45 -20.18 -23.97 -17.99
CA SER A 45 -20.45 -24.60 -19.28
C SER A 45 -19.90 -26.02 -19.29
N PRO A 46 -20.48 -26.90 -20.13
CA PRO A 46 -20.00 -28.28 -20.11
C PRO A 46 -18.52 -28.39 -20.44
N GLU A 47 -18.07 -27.56 -21.37
CA GLU A 47 -16.67 -27.56 -21.82
C GLU A 47 -15.75 -27.16 -20.67
N TYR A 48 -16.18 -26.14 -19.91
CA TYR A 48 -15.47 -25.67 -18.72
C TYR A 48 -15.39 -26.75 -17.63
N VAL A 49 -16.50 -27.37 -17.31
CA VAL A 49 -16.51 -28.46 -16.32
C VAL A 49 -15.68 -29.65 -16.77
N SER A 50 -15.73 -29.95 -18.06
CA SER A 50 -14.94 -31.07 -18.66
C SER A 50 -13.46 -30.80 -18.49
N MET A 51 -13.07 -29.58 -18.79
CA MET A 51 -11.70 -29.13 -18.61
C MET A 51 -11.25 -29.26 -17.15
N CYS A 52 -12.08 -28.82 -16.20
CA CYS A 52 -11.74 -28.91 -14.78
C CYS A 52 -11.77 -30.35 -14.26
N ASP A 53 -12.65 -31.19 -14.78
CA ASP A 53 -12.65 -32.63 -14.48
C ASP A 53 -11.35 -33.34 -14.84
N SER A 54 -10.64 -32.84 -15.86
CA SER A 54 -9.44 -33.49 -16.40
C SER A 54 -8.18 -33.41 -15.51
N LEU A 55 -8.28 -32.85 -14.31
CA LEU A 55 -7.19 -32.89 -13.35
C LEU A 55 -7.14 -34.27 -12.67
N ALA A 56 -6.08 -35.02 -12.95
CA ALA A 56 -5.72 -36.16 -12.09
C ALA A 56 -5.47 -35.54 -10.71
N LYS A 57 -5.71 -36.32 -9.67
CA LYS A 57 -5.57 -35.86 -8.28
C LYS A 57 -6.93 -35.49 -7.72
N ILE A 58 -7.73 -34.76 -8.51
CA ILE A 58 -9.14 -34.51 -8.18
C ILE A 58 -10.04 -34.79 -9.37
N PRO A 59 -9.98 -36.01 -9.91
CA PRO A 59 -10.72 -36.25 -11.15
C PRO A 59 -12.22 -36.16 -10.94
N LYS A 60 -12.90 -35.53 -11.90
CA LYS A 60 -14.37 -35.47 -11.93
C LYS A 60 -15.02 -34.65 -10.80
N ARG A 61 -14.22 -33.88 -10.08
CA ARG A 61 -14.74 -33.11 -8.96
C ARG A 61 -15.70 -32.01 -9.40
N ALA A 62 -15.29 -31.25 -10.41
CA ALA A 62 -16.10 -30.18 -10.98
C ALA A 62 -17.45 -30.72 -11.46
N SER A 63 -17.41 -31.87 -12.08
CA SER A 63 -18.64 -32.55 -12.44
C SER A 63 -19.50 -32.97 -11.27
N MET A 64 -18.87 -33.53 -10.25
CA MET A 64 -19.64 -33.97 -9.06
C MET A 64 -20.35 -32.78 -8.42
N VAL A 65 -19.66 -31.65 -8.36
CA VAL A 65 -20.17 -30.45 -7.72
C VAL A 65 -21.32 -29.89 -8.51
N HIS A 66 -21.14 -29.72 -9.81
CA HIS A 66 -22.21 -29.23 -10.67
C HIS A 66 -23.42 -30.19 -10.68
N SER A 67 -23.10 -31.47 -10.83
CA SER A 67 -24.10 -32.50 -10.93
C SER A 67 -25.02 -32.48 -9.73
N LEU A 68 -24.44 -32.28 -8.55
CA LEU A 68 -25.21 -32.24 -7.31
C LEU A 68 -26.02 -30.96 -7.15
N ILE A 69 -25.47 -29.85 -7.65
CA ILE A 69 -26.15 -28.55 -7.59
C ILE A 69 -27.40 -28.61 -8.47
N GLU A 70 -27.19 -29.13 -9.68
CA GLU A 70 -28.24 -29.36 -10.66
C GLU A 70 -29.31 -30.27 -10.07
N ALA A 71 -28.89 -31.33 -9.39
CA ALA A 71 -29.82 -32.30 -8.84
C ALA A 71 -30.67 -31.80 -7.68
N TYR A 72 -30.27 -30.69 -7.08
CA TYR A 72 -31.14 -29.98 -6.13
C TYR A 72 -31.85 -28.80 -6.82
N ALA A 73 -31.72 -28.76 -8.16
CA ALA A 73 -32.39 -27.76 -9.02
C ALA A 73 -32.05 -26.29 -8.69
N LEU A 74 -30.85 -26.08 -8.18
CA LEU A 74 -30.44 -24.76 -7.75
C LEU A 74 -30.04 -23.87 -8.93
N HIS A 75 -29.51 -24.49 -9.99
CA HIS A 75 -29.23 -23.76 -11.22
C HIS A 75 -30.46 -23.04 -11.76
N LYS A 76 -31.64 -23.62 -11.56
CA LYS A 76 -32.91 -23.00 -11.99
C LYS A 76 -33.16 -21.67 -11.31
N GLN A 77 -32.44 -21.37 -10.23
CA GLN A 77 -32.62 -20.10 -9.52
C GLN A 77 -31.43 -19.15 -9.66
N MET A 78 -30.53 -19.47 -10.61
CA MET A 78 -29.35 -18.68 -10.84
C MET A 78 -29.22 -18.32 -12.33
N ARG A 79 -28.43 -17.30 -12.62
CA ARG A 79 -28.13 -16.95 -14.01
C ARG A 79 -26.86 -17.68 -14.48
N ILE A 80 -27.03 -18.63 -15.35
CA ILE A 80 -25.91 -19.41 -15.87
C ILE A 80 -25.16 -18.60 -16.92
N VAL A 81 -23.85 -18.48 -16.78
CA VAL A 81 -23.05 -17.67 -17.66
C VAL A 81 -21.88 -18.49 -18.13
N LYS A 82 -21.72 -18.62 -19.44
CA LYS A 82 -20.60 -19.34 -19.99
C LYS A 82 -19.34 -18.52 -19.72
N PRO A 83 -18.30 -19.17 -19.18
CA PRO A 83 -17.07 -18.45 -18.95
C PRO A 83 -16.28 -18.25 -20.23
N LYS A 84 -15.58 -17.13 -20.31
CA LYS A 84 -14.62 -16.89 -21.38
C LYS A 84 -13.31 -17.59 -21.01
N VAL A 85 -12.48 -17.79 -22.01
CA VAL A 85 -11.14 -18.25 -21.81
C VAL A 85 -10.28 -17.00 -21.74
N ALA A 86 -9.35 -16.93 -20.79
CA ALA A 86 -8.55 -15.73 -20.62
C ALA A 86 -7.50 -15.61 -21.70
N SER A 87 -7.24 -14.39 -22.11
CA SER A 87 -6.21 -14.13 -23.11
C SER A 87 -4.84 -14.02 -22.44
N MET A 88 -3.80 -14.18 -23.23
CA MET A 88 -2.45 -13.95 -22.73
C MET A 88 -2.32 -12.56 -22.09
N GLU A 89 -2.90 -11.55 -22.71
CA GLU A 89 -2.92 -10.19 -22.14
C GLU A 89 -3.48 -10.21 -20.71
N GLU A 90 -4.69 -10.77 -20.58
CA GLU A 90 -5.36 -10.85 -19.28
C GLU A 90 -4.52 -11.60 -18.24
N MET A 91 -3.95 -12.74 -18.60
CA MET A 91 -3.19 -13.58 -17.64
C MET A 91 -1.91 -12.89 -17.22
N ALA A 92 -1.36 -12.11 -18.13
CA ALA A 92 -0.15 -11.34 -17.87
C ALA A 92 -0.36 -10.11 -16.98
N THR A 93 -1.58 -9.78 -16.62
CA THR A 93 -1.79 -8.64 -15.71
C THR A 93 -1.16 -8.96 -14.36
N PHE A 94 -1.01 -10.26 -14.08
CA PHE A 94 -0.32 -10.72 -12.87
C PHE A 94 0.93 -11.55 -13.16
N HIS A 95 0.81 -12.53 -14.03
CA HIS A 95 1.91 -13.44 -14.32
C HIS A 95 2.89 -12.90 -15.35
N THR A 96 4.10 -13.44 -15.32
CA THR A 96 5.16 -12.97 -16.23
C THR A 96 5.07 -13.74 -17.51
N ASP A 97 5.52 -13.12 -18.59
CA ASP A 97 5.46 -13.74 -19.90
C ASP A 97 6.33 -14.97 -19.93
N ALA A 98 7.49 -14.89 -19.29
CA ALA A 98 8.41 -16.01 -19.25
C ALA A 98 7.70 -17.25 -18.70
N TYR A 99 6.95 -17.01 -17.64
CA TYR A 99 6.24 -18.09 -16.97
C TYR A 99 5.10 -18.62 -17.84
N LEU A 100 4.27 -17.70 -18.34
CA LEU A 100 3.12 -18.09 -19.15
C LEU A 100 3.57 -18.85 -20.41
N GLN A 101 4.63 -18.34 -21.06
CA GLN A 101 5.18 -18.98 -22.25
C GLN A 101 5.69 -20.38 -21.94
N HIS A 102 6.39 -20.52 -20.83
CA HIS A 102 6.85 -21.83 -20.42
C HIS A 102 5.67 -22.78 -20.17
N LEU A 103 4.66 -22.27 -19.49
CA LEU A 103 3.47 -23.06 -19.18
C LEU A 103 2.85 -23.56 -20.47
N GLN A 104 2.80 -22.67 -21.44
CA GLN A 104 2.27 -23.00 -22.75
C GLN A 104 3.01 -24.15 -23.44
N LYS A 105 4.34 -24.06 -23.47
CA LYS A 105 5.20 -25.08 -24.11
C LYS A 105 5.02 -26.43 -23.46
N VAL A 106 5.09 -26.43 -22.16
CA VAL A 106 4.92 -27.66 -21.41
C VAL A 106 3.52 -28.30 -21.64
N SER A 107 2.51 -27.45 -21.79
CA SER A 107 1.13 -27.90 -22.09
C SER A 107 1.01 -28.70 -23.39
N GLN A 108 1.68 -28.21 -24.44
CA GLN A 108 1.68 -28.85 -25.80
C GLN A 108 2.23 -30.26 -25.84
N GLU A 109 3.39 -30.41 -25.22
CA GLU A 109 4.19 -31.61 -25.39
C GLU A 109 4.11 -32.39 -24.08
N GLY A 110 4.96 -31.99 -23.13
CA GLY A 110 5.18 -32.70 -21.87
C GLY A 110 6.48 -32.20 -21.26
N ASP A 111 6.97 -32.91 -20.25
CA ASP A 111 8.11 -32.44 -19.45
C ASP A 111 9.45 -33.10 -19.74
N ASP A 112 9.44 -34.15 -20.57
CA ASP A 112 10.66 -34.66 -21.15
C ASP A 112 11.19 -33.55 -22.03
N ASP A 113 12.51 -33.35 -22.01
CA ASP A 113 13.12 -32.26 -22.74
C ASP A 113 12.80 -30.89 -22.12
N HIS A 114 12.33 -30.85 -20.86
CA HIS A 114 12.26 -29.58 -20.12
C HIS A 114 12.76 -29.71 -18.69
N PRO A 115 14.09 -29.63 -18.50
CA PRO A 115 14.63 -29.62 -17.15
C PRO A 115 14.57 -28.21 -16.54
N ASP A 116 14.10 -27.24 -17.35
CA ASP A 116 13.84 -25.84 -16.98
C ASP A 116 12.60 -25.69 -16.06
N SER A 117 11.77 -26.74 -16.00
CA SER A 117 10.47 -26.67 -15.33
C SER A 117 10.53 -26.44 -13.83
N ILE A 118 11.63 -26.88 -13.22
CA ILE A 118 11.87 -26.66 -11.79
C ILE A 118 11.88 -25.15 -11.46
N GLU A 119 12.44 -24.34 -12.36
CA GLU A 119 12.53 -22.91 -12.18
C GLU A 119 11.15 -22.24 -12.08
N TYR A 120 10.14 -22.86 -12.66
CA TYR A 120 8.81 -22.28 -12.71
C TYR A 120 7.83 -23.03 -11.81
N GLY A 121 8.36 -23.81 -10.88
CA GLY A 121 7.57 -24.42 -9.82
C GLY A 121 6.82 -25.67 -10.21
N LEU A 122 7.09 -26.17 -11.40
CA LEU A 122 6.48 -27.42 -11.82
C LEU A 122 7.27 -28.56 -11.25
N GLY A 123 6.60 -29.68 -11.02
CA GLY A 123 7.22 -30.80 -10.36
C GLY A 123 6.17 -31.67 -9.74
N TYR A 124 6.53 -32.39 -8.68
CA TYR A 124 5.59 -33.32 -8.10
C TYR A 124 4.31 -32.60 -7.68
N ASP A 125 4.48 -31.45 -7.04
CA ASP A 125 3.36 -30.67 -6.49
C ASP A 125 2.52 -29.98 -7.58
N CYS A 126 3.14 -29.58 -8.68
CA CYS A 126 2.41 -29.11 -9.85
C CYS A 126 2.82 -29.85 -11.12
N PRO A 127 2.31 -31.08 -11.32
CA PRO A 127 2.78 -31.89 -12.44
C PRO A 127 2.75 -31.13 -13.76
N ALA A 128 3.75 -31.36 -14.59
CA ALA A 128 3.86 -30.68 -15.87
C ALA A 128 3.10 -31.45 -16.97
N THR A 129 1.85 -31.83 -16.70
CA THR A 129 1.05 -32.66 -17.61
C THR A 129 0.53 -31.87 -18.81
N GLU A 130 0.25 -32.58 -19.89
CA GLU A 130 -0.22 -31.97 -21.13
C GLU A 130 -1.58 -31.35 -20.91
N GLY A 131 -1.81 -30.21 -21.55
CA GLY A 131 -3.09 -29.54 -21.51
C GLY A 131 -3.30 -28.59 -20.34
N ILE A 132 -2.26 -28.36 -19.54
CA ILE A 132 -2.44 -27.52 -18.34
C ILE A 132 -2.58 -26.03 -18.64
N PHE A 133 -2.00 -25.55 -19.74
CA PHE A 133 -2.15 -24.13 -20.07
C PHE A 133 -3.61 -23.82 -20.38
N ASP A 134 -4.26 -24.72 -21.10
CA ASP A 134 -5.65 -24.51 -21.48
C ASP A 134 -6.51 -24.51 -20.24
N TYR A 135 -6.21 -25.44 -19.36
CA TYR A 135 -6.85 -25.54 -18.06
C TYR A 135 -6.70 -24.20 -17.32
N ALA A 136 -5.46 -23.74 -17.21
CA ALA A 136 -5.16 -22.48 -16.54
C ALA A 136 -6.00 -21.36 -17.08
N ALA A 137 -6.02 -21.22 -18.40
CA ALA A 137 -6.70 -20.12 -19.06
C ALA A 137 -8.21 -20.21 -18.88
N ALA A 138 -8.73 -21.43 -18.81
CA ALA A 138 -10.18 -21.63 -18.62
C ALA A 138 -10.57 -21.05 -17.29
N ILE A 139 -9.81 -21.42 -16.28
CA ILE A 139 -10.08 -21.08 -14.90
C ILE A 139 -9.88 -19.57 -14.62
N GLY A 140 -8.80 -19.01 -15.13
CA GLY A 140 -8.57 -17.58 -15.05
C GLY A 140 -9.72 -16.82 -15.68
N GLY A 141 -10.08 -17.25 -16.90
CA GLY A 141 -11.19 -16.63 -17.62
C GLY A 141 -12.51 -16.72 -16.86
N ALA A 142 -12.75 -17.88 -16.26
CA ALA A 142 -13.97 -18.11 -15.53
C ALA A 142 -14.08 -17.07 -14.42
N THR A 143 -12.98 -16.87 -13.68
CA THR A 143 -12.99 -15.99 -12.52
C THR A 143 -13.13 -14.54 -12.97
N ILE A 144 -12.48 -14.22 -14.07
CA ILE A 144 -12.57 -12.88 -14.65
C ILE A 144 -13.98 -12.60 -15.11
N THR A 145 -14.57 -13.55 -15.83
CA THR A 145 -15.94 -13.42 -16.26
C THR A 145 -16.86 -13.13 -15.07
N ALA A 146 -16.63 -13.85 -13.98
CA ALA A 146 -17.39 -13.63 -12.75
C ALA A 146 -17.25 -12.19 -12.28
N ALA A 147 -16.01 -11.71 -12.28
CA ALA A 147 -15.71 -10.37 -11.81
C ALA A 147 -16.38 -9.34 -12.73
N GLN A 148 -16.41 -9.64 -14.02
CA GLN A 148 -16.98 -8.75 -15.03
C GLN A 148 -18.49 -8.66 -14.84
N CYS A 149 -19.14 -9.77 -14.54
CA CYS A 149 -20.56 -9.73 -14.24
C CYS A 149 -20.82 -8.78 -13.08
N LEU A 150 -19.95 -8.83 -12.07
CA LEU A 150 -20.18 -8.02 -10.88
C LEU A 150 -19.99 -6.54 -11.17
N ILE A 151 -18.94 -6.23 -11.92
CA ILE A 151 -18.67 -4.88 -12.40
C ILE A 151 -19.91 -4.34 -13.15
N ASP A 152 -20.42 -5.15 -14.06
CA ASP A 152 -21.56 -4.79 -14.89
C ASP A 152 -22.88 -4.68 -14.16
N GLY A 153 -22.94 -4.92 -12.85
CA GLY A 153 -24.21 -4.86 -12.13
C GLY A 153 -25.23 -5.94 -12.54
N MET A 154 -24.79 -6.91 -13.33
CA MET A 154 -25.56 -8.14 -13.60
C MET A 154 -26.03 -8.89 -12.31
N CYS A 155 -25.24 -8.83 -11.24
CA CYS A 155 -25.55 -9.51 -10.00
C CYS A 155 -24.80 -8.89 -8.84
N LYS A 156 -25.15 -9.30 -7.62
CA LYS A 156 -24.38 -8.96 -6.42
C LYS A 156 -23.45 -10.11 -5.96
N VAL A 157 -23.71 -11.31 -6.45
CA VAL A 157 -22.93 -12.48 -6.10
C VAL A 157 -22.67 -13.30 -7.35
N ALA A 158 -21.40 -13.65 -7.57
CA ALA A 158 -21.05 -14.42 -8.75
C ALA A 158 -20.13 -15.57 -8.33
N ILE A 159 -20.39 -16.75 -8.88
CA ILE A 159 -19.85 -18.01 -8.38
C ILE A 159 -19.02 -18.76 -9.40
N ASN A 160 -17.80 -19.08 -9.02
CA ASN A 160 -16.96 -19.99 -9.79
C ASN A 160 -16.37 -21.01 -8.86
N TRP A 161 -17.12 -22.07 -8.59
CA TRP A 161 -16.64 -23.12 -7.67
C TRP A 161 -15.35 -23.86 -8.07
N SER A 162 -14.96 -23.81 -9.33
CA SER A 162 -13.73 -24.50 -9.77
C SER A 162 -12.53 -23.59 -9.75
N GLY A 163 -12.72 -22.36 -9.31
CA GLY A 163 -11.60 -21.48 -9.06
C GLY A 163 -11.15 -21.51 -7.61
N GLY A 164 -10.28 -20.54 -7.29
CA GLY A 164 -9.70 -20.38 -5.95
C GLY A 164 -8.27 -20.85 -5.79
N TRP A 165 -7.49 -20.88 -6.86
CA TRP A 165 -6.14 -21.50 -6.82
C TRP A 165 -5.11 -20.51 -6.31
N HIS A 166 -5.08 -20.41 -5.00
CA HIS A 166 -4.56 -19.24 -4.31
C HIS A 166 -3.04 -19.21 -4.02
N HIS A 167 -2.34 -20.29 -4.34
CA HIS A 167 -0.90 -20.41 -4.10
C HIS A 167 -0.01 -19.91 -5.21
N ALA A 168 -0.54 -19.81 -6.43
CA ALA A 168 0.33 -19.53 -7.58
C ALA A 168 0.96 -18.16 -7.47
N LYS A 169 2.24 -18.08 -7.80
CA LYS A 169 3.00 -16.82 -7.72
C LYS A 169 3.11 -16.27 -9.14
N LYS A 170 3.55 -15.02 -9.25
CA LYS A 170 3.58 -14.38 -10.53
C LYS A 170 4.39 -15.17 -11.57
N ASP A 171 5.42 -15.87 -11.13
CA ASP A 171 6.30 -16.58 -12.08
C ASP A 171 6.59 -18.01 -11.65
N GLU A 172 5.68 -18.59 -10.89
CA GLU A 172 5.95 -19.89 -10.31
C GLU A 172 4.63 -20.57 -9.96
N ALA A 173 4.47 -21.79 -10.44
CA ALA A 173 3.40 -22.65 -9.96
C ALA A 173 3.72 -23.05 -8.53
N SER A 174 2.70 -23.41 -7.78
CA SER A 174 2.86 -23.76 -6.38
C SER A 174 1.62 -24.40 -5.81
N GLY A 175 1.81 -25.42 -4.99
CA GLY A 175 0.71 -26.07 -4.28
C GLY A 175 -0.45 -26.44 -5.19
N PHE A 176 -0.11 -27.04 -6.33
CA PHE A 176 -1.10 -27.49 -7.29
C PHE A 176 -1.89 -26.33 -7.95
N CYS A 177 -1.36 -25.12 -7.83
CA CYS A 177 -1.94 -23.93 -8.46
C CYS A 177 -1.02 -23.45 -9.57
N TYR A 178 -1.52 -23.53 -10.80
CA TYR A 178 -0.75 -23.17 -11.98
C TYR A 178 -0.94 -21.69 -12.32
N LEU A 179 -2.07 -21.14 -11.88
CA LEU A 179 -2.43 -19.78 -12.23
C LEU A 179 -3.35 -19.24 -11.15
N ASN A 180 -3.04 -18.04 -10.68
CA ASN A 180 -3.78 -17.44 -9.59
C ASN A 180 -4.98 -16.68 -10.08
N ASP A 181 -6.07 -17.41 -10.25
CA ASP A 181 -7.31 -16.84 -10.74
C ASP A 181 -7.87 -15.83 -9.73
N ALA A 182 -7.68 -16.08 -8.45
CA ALA A 182 -8.19 -15.17 -7.44
C ALA A 182 -7.63 -13.77 -7.64
N VAL A 183 -6.32 -13.71 -7.83
CA VAL A 183 -5.63 -12.44 -8.08
C VAL A 183 -6.18 -11.76 -9.35
N LEU A 184 -6.32 -12.53 -10.43
CA LEU A 184 -6.83 -11.96 -11.68
C LEU A 184 -8.21 -11.36 -11.47
N GLY A 185 -9.03 -12.05 -10.70
CA GLY A 185 -10.37 -11.56 -10.40
C GLY A 185 -10.32 -10.25 -9.63
N ILE A 186 -9.48 -10.22 -8.62
CA ILE A 186 -9.32 -9.03 -7.80
C ILE A 186 -8.88 -7.86 -8.67
N LEU A 187 -7.92 -8.10 -9.56
CA LEU A 187 -7.43 -7.06 -10.45
C LEU A 187 -8.54 -6.57 -11.37
N ARG A 188 -9.31 -7.48 -11.95
CA ARG A 188 -10.46 -7.05 -12.78
C ARG A 188 -11.42 -6.19 -11.96
N LEU A 189 -11.78 -6.63 -10.76
CA LEU A 189 -12.67 -5.86 -9.89
C LEU A 189 -12.17 -4.44 -9.64
N ARG A 190 -10.85 -4.27 -9.61
CA ARG A 190 -10.26 -2.97 -9.29
C ARG A 190 -10.62 -1.89 -10.30
N ARG A 191 -10.97 -2.29 -11.52
CA ARG A 191 -11.49 -1.32 -12.49
C ARG A 191 -12.64 -0.46 -11.95
N LYS A 192 -13.57 -1.06 -11.22
CA LYS A 192 -14.72 -0.33 -10.67
C LYS A 192 -14.63 -0.09 -9.17
N PHE A 193 -14.05 -1.03 -8.44
CA PHE A 193 -14.08 -0.96 -6.97
C PHE A 193 -12.73 -0.55 -6.41
N GLU A 194 -12.73 0.45 -5.55
CA GLU A 194 -11.48 1.08 -5.08
C GLU A 194 -10.78 0.21 -4.05
N ARG A 195 -11.58 -0.35 -3.14
CA ARG A 195 -11.07 -1.17 -2.06
C ARG A 195 -11.69 -2.57 -2.10
N ILE A 196 -10.85 -3.59 -2.07
CA ILE A 196 -11.32 -4.97 -2.19
C ILE A 196 -10.84 -5.85 -1.05
N LEU A 197 -11.78 -6.63 -0.50
CA LEU A 197 -11.47 -7.53 0.60
C LEU A 197 -11.38 -8.96 0.10
N TYR A 198 -10.22 -9.58 0.33
CA TYR A 198 -10.06 -11.00 0.00
C TYR A 198 -10.13 -11.77 1.30
N VAL A 199 -11.06 -12.73 1.35
CA VAL A 199 -11.21 -13.60 2.51
C VAL A 199 -11.02 -15.04 2.10
N ASP A 200 -10.17 -15.73 2.83
CA ASP A 200 -9.65 -17.04 2.42
C ASP A 200 -9.83 -18.08 3.52
N LEU A 201 -10.89 -18.89 3.38
CA LEU A 201 -11.25 -19.88 4.40
C LEU A 201 -10.75 -21.28 4.11
N ASP A 202 -9.97 -21.43 3.06
CA ASP A 202 -9.27 -22.67 2.80
C ASP A 202 -8.41 -23.03 4.00
N LEU A 203 -8.11 -24.30 4.13
CA LEU A 203 -7.27 -24.80 5.20
C LEU A 203 -5.89 -24.20 5.13
N HIS A 204 -5.43 -23.95 3.91
CA HIS A 204 -4.10 -23.44 3.70
C HIS A 204 -4.06 -21.90 3.65
N HIS A 205 -2.91 -21.38 4.07
CA HIS A 205 -2.61 -19.96 3.94
C HIS A 205 -2.65 -19.53 2.49
N GLY A 206 -3.37 -18.42 2.23
CA GLY A 206 -3.53 -17.89 0.87
C GLY A 206 -2.36 -17.01 0.46
N ASP A 207 -1.19 -17.63 0.32
CA ASP A 207 0.08 -16.91 0.24
C ASP A 207 0.26 -16.20 -1.10
N GLY A 208 -0.16 -16.85 -2.17
CA GLY A 208 -0.01 -16.32 -3.51
C GLY A 208 -0.73 -15.01 -3.62
N VAL A 209 -1.93 -14.98 -3.06
CA VAL A 209 -2.80 -13.81 -3.17
C VAL A 209 -2.28 -12.73 -2.25
N GLU A 210 -1.92 -13.13 -1.04
CA GLU A 210 -1.36 -12.18 -0.07
C GLU A 210 -0.18 -11.45 -0.63
N ASP A 211 0.76 -12.24 -1.13
CA ASP A 211 2.05 -11.74 -1.62
C ASP A 211 1.82 -10.75 -2.72
N ALA A 212 0.83 -11.03 -3.56
CA ALA A 212 0.54 -10.14 -4.68
C ALA A 212 0.12 -8.76 -4.22
N PHE A 213 -0.48 -8.67 -3.04
CA PHE A 213 -1.00 -7.41 -2.55
C PHE A 213 -0.38 -6.98 -1.21
N SER A 214 0.72 -7.60 -0.83
CA SER A 214 1.31 -7.34 0.49
C SER A 214 1.75 -5.89 0.65
N PHE A 215 2.12 -5.25 -0.45
CA PHE A 215 2.63 -3.87 -0.44
C PHE A 215 1.58 -2.79 -0.72
N THR A 216 0.31 -3.17 -0.78
CA THR A 216 -0.74 -2.19 -1.01
C THR A 216 -1.83 -2.28 0.03
N SER A 217 -2.45 -1.12 0.25
CA SER A 217 -3.62 -0.95 1.08
C SER A 217 -4.92 -0.95 0.28
N LYS A 218 -4.82 -1.03 -1.04
CA LYS A 218 -6.04 -1.07 -1.87
C LYS A 218 -6.76 -2.44 -1.83
N VAL A 219 -6.02 -3.47 -1.45
CA VAL A 219 -6.58 -4.80 -1.27
C VAL A 219 -6.18 -5.29 0.10
N MET A 220 -7.17 -5.69 0.89
CA MET A 220 -6.89 -6.37 2.16
C MET A 220 -7.14 -7.88 2.01
N THR A 221 -6.17 -8.66 2.48
CA THR A 221 -6.28 -10.12 2.48
C THR A 221 -6.43 -10.61 3.91
N VAL A 222 -7.40 -11.50 4.11
CA VAL A 222 -7.66 -12.13 5.38
C VAL A 222 -7.64 -13.63 5.14
N SER A 223 -6.76 -14.35 5.86
CA SER A 223 -6.73 -15.81 5.78
C SER A 223 -6.81 -16.47 7.15
N LEU A 224 -7.75 -17.42 7.25
CA LEU A 224 -7.81 -18.38 8.36
C LEU A 224 -7.22 -19.68 7.84
N HIS A 225 -6.30 -20.27 8.59
CA HIS A 225 -5.61 -21.45 8.09
C HIS A 225 -4.85 -22.17 9.16
N LYS A 226 -4.54 -23.42 8.88
CA LYS A 226 -3.69 -24.17 9.76
C LYS A 226 -2.30 -23.61 9.61
N PHE A 227 -1.67 -23.38 10.76
CA PHE A 227 -0.29 -22.93 10.82
C PHE A 227 0.44 -23.84 11.78
N SER A 228 1.43 -24.52 11.26
CA SER A 228 2.03 -25.61 11.99
C SER A 228 3.36 -26.07 11.39
N PRO A 229 4.34 -26.40 12.24
CA PRO A 229 5.66 -26.72 11.71
C PRO A 229 5.58 -27.84 10.67
N GLY A 230 6.09 -27.56 9.48
CA GLY A 230 6.05 -28.54 8.40
C GLY A 230 4.82 -28.46 7.51
N PHE A 231 3.77 -27.78 7.94
CA PHE A 231 2.53 -27.71 7.18
C PHE A 231 2.59 -26.66 6.07
N PHE A 232 2.21 -27.05 4.88
CA PHE A 232 2.29 -26.19 3.69
C PHE A 232 1.34 -24.99 3.79
N PRO A 233 1.73 -23.82 3.28
CA PRO A 233 3.03 -23.55 2.69
C PRO A 233 4.04 -23.04 3.71
N GLY A 234 3.71 -23.00 4.98
CA GLY A 234 4.68 -22.59 6.00
C GLY A 234 4.61 -21.13 6.36
N THR A 235 3.92 -20.32 5.54
CA THR A 235 3.77 -18.90 5.82
C THR A 235 2.44 -18.62 6.51
N GLY A 236 2.23 -17.38 6.93
CA GLY A 236 0.97 -16.94 7.48
C GLY A 236 0.80 -16.83 8.99
N ASP A 237 1.88 -16.60 9.72
CA ASP A 237 1.73 -16.45 11.17
C ASP A 237 0.99 -15.15 11.41
N VAL A 238 0.45 -14.95 12.60
CA VAL A 238 -0.35 -13.75 12.87
C VAL A 238 0.44 -12.44 12.70
N SER A 239 1.75 -12.51 12.93
CA SER A 239 2.65 -11.35 12.79
C SER A 239 2.99 -11.01 11.31
N ASP A 240 2.52 -11.82 10.37
CA ASP A 240 2.47 -11.46 8.95
C ASP A 240 1.38 -10.42 8.76
N VAL A 241 1.77 -9.18 8.49
CA VAL A 241 0.81 -8.06 8.47
C VAL A 241 0.88 -7.18 7.22
N GLY A 242 1.80 -7.49 6.32
CA GLY A 242 2.00 -6.67 5.13
C GLY A 242 3.21 -5.73 5.29
N LEU A 243 3.50 -4.99 4.25
CA LEU A 243 4.71 -4.20 4.18
C LEU A 243 4.48 -2.85 3.52
N GLY A 244 5.34 -1.90 3.84
CA GLY A 244 5.23 -0.55 3.32
C GLY A 244 3.82 -0.02 3.52
N LYS A 245 3.21 0.43 2.43
CA LYS A 245 1.87 0.99 2.47
C LYS A 245 0.85 -0.10 2.75
N GLY A 246 1.21 -1.35 2.49
CA GLY A 246 0.37 -2.50 2.81
C GLY A 246 0.42 -3.06 4.23
N ARG A 247 1.33 -2.53 5.05
CA ARG A 247 1.43 -2.89 6.46
C ARG A 247 0.08 -2.72 7.15
N TYR A 248 -0.34 -3.78 7.84
CA TYR A 248 -1.67 -3.93 8.47
C TYR A 248 -2.79 -4.31 7.50
N TYR A 249 -2.49 -4.43 6.21
CA TYR A 249 -3.50 -4.76 5.19
C TYR A 249 -3.33 -6.21 4.70
N SER A 250 -2.67 -7.00 5.55
CA SER A 250 -2.67 -8.46 5.49
C SER A 250 -3.07 -8.94 6.88
N VAL A 251 -4.14 -9.75 6.94
CA VAL A 251 -4.58 -10.37 8.21
C VAL A 251 -4.43 -11.88 8.16
N ASN A 252 -3.85 -12.45 9.21
CA ASN A 252 -3.60 -13.87 9.26
C ASN A 252 -3.97 -14.47 10.60
N VAL A 253 -4.77 -15.53 10.55
CA VAL A 253 -5.25 -16.21 11.73
C VAL A 253 -4.76 -17.65 11.73
N PRO A 254 -3.67 -17.92 12.47
CA PRO A 254 -3.12 -19.27 12.51
C PRO A 254 -3.94 -20.11 13.44
N ILE A 255 -4.33 -21.28 12.98
CA ILE A 255 -5.23 -22.14 13.75
C ILE A 255 -4.67 -23.53 13.81
N GLN A 256 -4.91 -24.21 14.93
CA GLN A 256 -4.44 -25.60 15.11
C GLN A 256 -5.52 -26.66 14.75
N ASP A 257 -5.08 -27.89 14.57
CA ASP A 257 -5.96 -29.02 14.30
C ASP A 257 -7.19 -29.11 15.18
N GLY A 258 -8.26 -29.63 14.58
CA GLY A 258 -9.43 -30.07 15.33
C GLY A 258 -10.40 -28.99 15.68
N ILE A 259 -10.29 -27.86 15.02
CA ILE A 259 -11.28 -26.80 15.23
C ILE A 259 -12.64 -27.18 14.63
N GLN A 260 -13.70 -26.77 15.34
CA GLN A 260 -15.09 -27.03 14.96
C GLN A 260 -15.88 -25.79 14.71
N ASP A 261 -17.07 -26.00 14.17
CA ASP A 261 -17.91 -24.93 13.66
C ASP A 261 -18.07 -23.75 14.59
N GLU A 262 -18.45 -24.01 15.83
CA GLU A 262 -18.81 -22.91 16.71
C GLU A 262 -17.62 -22.00 16.95
N LYS A 263 -16.49 -22.58 17.34
CA LYS A 263 -15.30 -21.80 17.68
C LYS A 263 -14.72 -21.07 16.46
N TYR A 264 -14.69 -21.76 15.33
CA TYR A 264 -14.26 -21.16 14.08
C TYR A 264 -15.10 -19.93 13.73
N TYR A 265 -16.42 -20.06 13.79
CA TYR A 265 -17.26 -18.90 13.53
C TYR A 265 -17.00 -17.73 14.51
N GLN A 266 -16.83 -18.04 15.78
CA GLN A 266 -16.52 -16.99 16.75
C GLN A 266 -15.27 -16.22 16.30
N ILE A 267 -14.23 -16.97 15.98
CA ILE A 267 -13.01 -16.41 15.45
C ILE A 267 -13.29 -15.61 14.20
N CYS A 268 -13.89 -16.26 13.21
CA CYS A 268 -14.11 -15.61 11.93
C CYS A 268 -14.90 -14.29 12.08
N GLU A 269 -16.04 -14.37 12.76
CA GLU A 269 -16.92 -13.24 12.88
C GLU A 269 -16.27 -12.11 13.68
N SER A 270 -15.54 -12.50 14.72
CA SER A 270 -14.82 -11.53 15.52
C SER A 270 -13.86 -10.72 14.64
N VAL A 271 -13.03 -11.42 13.89
CA VAL A 271 -12.15 -10.80 12.89
C VAL A 271 -12.87 -10.00 11.77
N LEU A 272 -13.90 -10.55 11.14
CA LEU A 272 -14.53 -9.86 10.01
C LEU A 272 -15.26 -8.59 10.42
N LYS A 273 -15.83 -8.57 11.62
CA LYS A 273 -16.46 -7.35 12.13
C LYS A 273 -15.43 -6.21 12.17
N GLU A 274 -14.27 -6.49 12.78
CA GLU A 274 -13.21 -5.48 12.91
C GLU A 274 -12.82 -5.02 11.51
N VAL A 275 -12.70 -5.97 10.59
CA VAL A 275 -12.21 -5.71 9.22
C VAL A 275 -13.16 -4.82 8.45
N TYR A 276 -14.44 -5.13 8.50
CA TYR A 276 -15.46 -4.33 7.82
C TYR A 276 -15.37 -2.87 8.27
N GLN A 277 -15.37 -2.67 9.59
CA GLN A 277 -15.33 -1.32 10.16
C GLN A 277 -14.08 -0.57 9.75
N ALA A 278 -12.95 -1.25 9.85
CA ALA A 278 -11.65 -0.66 9.58
C ALA A 278 -11.36 -0.42 8.10
N PHE A 279 -11.75 -1.36 7.25
CA PHE A 279 -11.35 -1.34 5.85
C PHE A 279 -12.46 -0.82 4.98
N ASN A 280 -13.69 -1.03 5.42
CA ASN A 280 -14.86 -0.58 4.69
C ASN A 280 -14.80 -0.92 3.18
N PRO A 281 -14.80 -2.21 2.85
CA PRO A 281 -14.58 -2.61 1.46
C PRO A 281 -15.77 -2.34 0.57
N LYS A 282 -15.50 -2.19 -0.72
CA LYS A 282 -16.52 -1.96 -1.74
C LYS A 282 -16.88 -3.24 -2.49
N ALA A 283 -15.97 -4.21 -2.47
CA ALA A 283 -16.22 -5.52 -3.05
C ALA A 283 -15.45 -6.61 -2.32
N VAL A 284 -15.88 -7.86 -2.54
CA VAL A 284 -15.34 -8.99 -1.81
C VAL A 284 -15.08 -10.22 -2.67
N VAL A 285 -13.89 -10.78 -2.52
CA VAL A 285 -13.56 -12.05 -3.12
C VAL A 285 -13.37 -13.04 -2.00
N LEU A 286 -14.06 -14.16 -2.11
CA LEU A 286 -14.21 -15.11 -1.00
C LEU A 286 -13.85 -16.54 -1.42
N GLN A 287 -12.78 -17.07 -0.85
CA GLN A 287 -12.27 -18.39 -1.23
C GLN A 287 -12.76 -19.36 -0.18
N LEU A 288 -13.40 -20.45 -0.61
CA LEU A 288 -14.08 -21.37 0.31
C LEU A 288 -13.64 -22.82 0.16
N GLY A 289 -12.35 -23.01 -0.06
CA GLY A 289 -11.79 -24.36 -0.09
C GLY A 289 -12.37 -25.26 1.00
N ALA A 290 -12.77 -26.47 0.61
CA ALA A 290 -13.43 -27.40 1.52
C ALA A 290 -12.53 -28.45 2.11
N ASP A 291 -11.21 -28.22 2.05
CA ASP A 291 -10.24 -29.08 2.75
C ASP A 291 -10.20 -28.87 4.28
N THR A 292 -11.09 -28.04 4.80
CA THR A 292 -11.25 -27.86 6.22
C THR A 292 -12.29 -28.80 6.78
N ILE A 293 -12.98 -29.49 5.88
CA ILE A 293 -14.18 -30.24 6.28
C ILE A 293 -13.80 -31.61 6.81
N ALA A 294 -14.44 -31.97 7.92
CA ALA A 294 -14.30 -33.31 8.49
C ALA A 294 -14.37 -34.36 7.40
N GLY A 295 -13.43 -35.28 7.41
CA GLY A 295 -13.37 -36.34 6.43
C GLY A 295 -12.39 -36.11 5.32
N ASP A 296 -11.71 -34.97 5.33
CA ASP A 296 -10.79 -34.66 4.24
C ASP A 296 -9.50 -35.42 4.50
N PRO A 297 -8.81 -35.87 3.45
CA PRO A 297 -7.49 -36.51 3.63
C PRO A 297 -6.52 -35.64 4.43
N MET A 298 -6.55 -34.35 4.21
CA MET A 298 -5.79 -33.38 5.03
C MET A 298 -5.95 -33.61 6.54
N CYS A 299 -7.13 -34.06 6.94
CA CYS A 299 -7.31 -34.57 8.28
C CYS A 299 -6.72 -33.59 9.28
N SER A 300 -7.12 -32.34 9.20
CA SER A 300 -6.62 -31.31 10.11
C SER A 300 -7.74 -30.59 10.84
N PHE A 301 -8.55 -29.84 10.12
CA PHE A 301 -9.66 -29.16 10.77
C PHE A 301 -10.82 -30.14 10.88
N ASN A 302 -11.84 -29.77 11.65
CA ASN A 302 -12.98 -30.63 11.91
C ASN A 302 -14.31 -29.90 11.74
N MET A 303 -14.43 -29.26 10.59
CA MET A 303 -15.55 -28.38 10.31
C MET A 303 -16.65 -29.10 9.53
N THR A 304 -17.81 -28.48 9.52
CA THR A 304 -18.89 -28.88 8.63
C THR A 304 -19.33 -27.67 7.81
N PRO A 305 -20.07 -27.92 6.72
CA PRO A 305 -20.46 -26.79 5.87
C PRO A 305 -21.36 -25.77 6.55
N VAL A 306 -22.01 -26.19 7.62
CA VAL A 306 -22.86 -25.26 8.35
C VAL A 306 -22.00 -24.17 8.95
N GLY A 307 -20.88 -24.55 9.55
CA GLY A 307 -19.98 -23.57 10.18
C GLY A 307 -19.49 -22.58 9.14
N ILE A 308 -19.04 -23.09 8.01
CA ILE A 308 -18.56 -22.24 6.93
C ILE A 308 -19.71 -21.37 6.39
N GLY A 309 -20.89 -21.95 6.28
CA GLY A 309 -22.07 -21.21 5.82
C GLY A 309 -22.37 -20.00 6.69
N LYS A 310 -22.26 -20.14 8.00
CA LYS A 310 -22.45 -19.00 8.90
C LYS A 310 -21.47 -17.87 8.58
N CYS A 311 -20.21 -18.21 8.38
CA CYS A 311 -19.22 -17.24 7.92
C CYS A 311 -19.64 -16.57 6.59
N LEU A 312 -20.15 -17.39 5.68
CA LEU A 312 -20.64 -16.90 4.40
C LEU A 312 -21.80 -15.95 4.58
N LYS A 313 -22.79 -16.34 5.37
CA LYS A 313 -23.95 -15.48 5.63
C LYS A 313 -23.51 -14.12 6.10
N TYR A 314 -22.57 -14.13 7.04
CA TYR A 314 -22.10 -12.90 7.64
C TYR A 314 -21.54 -11.94 6.58
N ILE A 315 -20.77 -12.46 5.63
CA ILE A 315 -20.27 -11.64 4.54
C ILE A 315 -21.39 -11.20 3.61
N LEU A 316 -22.29 -12.11 3.28
CA LEU A 316 -23.45 -11.77 2.43
C LEU A 316 -24.33 -10.65 2.99
N GLN A 317 -24.56 -10.63 4.29
CA GLN A 317 -25.39 -9.56 4.88
C GLN A 317 -24.79 -8.15 4.70
N TRP A 318 -23.53 -8.05 4.31
CA TRP A 318 -22.95 -6.76 3.92
C TRP A 318 -23.50 -6.21 2.60
N GLN A 319 -24.11 -7.05 1.79
CA GLN A 319 -24.72 -6.63 0.52
C GLN A 319 -23.75 -6.08 -0.51
N LEU A 320 -22.49 -6.46 -0.42
CA LEU A 320 -21.49 -6.03 -1.40
C LEU A 320 -21.35 -6.98 -2.57
N ALA A 321 -20.76 -6.48 -3.65
CA ALA A 321 -20.40 -7.30 -4.80
C ALA A 321 -19.45 -8.39 -4.32
N THR A 322 -19.85 -9.64 -4.55
CA THR A 322 -19.15 -10.77 -3.96
C THR A 322 -18.83 -11.85 -4.96
N LEU A 323 -17.53 -12.11 -5.07
CA LEU A 323 -17.02 -13.13 -5.97
C LEU A 323 -16.69 -14.37 -5.13
N ILE A 324 -17.42 -15.45 -5.39
CA ILE A 324 -17.32 -16.70 -4.65
C ILE A 324 -16.49 -17.74 -5.40
N LEU A 325 -15.51 -18.30 -4.69
CA LEU A 325 -14.57 -19.25 -5.25
C LEU A 325 -14.44 -20.48 -4.41
N GLY A 326 -14.08 -21.56 -5.09
CA GLY A 326 -13.82 -22.82 -4.43
C GLY A 326 -12.39 -22.84 -3.99
N GLY A 327 -11.72 -23.94 -4.28
CA GLY A 327 -10.31 -24.09 -3.96
C GLY A 327 -9.96 -25.53 -3.65
N GLY A 328 -9.40 -25.78 -2.48
CA GLY A 328 -9.02 -27.12 -2.07
C GLY A 328 -10.25 -27.91 -1.71
N GLY A 329 -10.08 -29.19 -1.46
CA GLY A 329 -11.20 -30.06 -1.09
C GLY A 329 -10.98 -31.39 -1.75
N TYR A 330 -10.55 -32.39 -0.98
CA TYR A 330 -10.00 -33.64 -1.55
C TYR A 330 -10.78 -34.93 -1.16
N ASN A 331 -11.76 -34.80 -0.27
CA ASN A 331 -12.84 -35.76 -0.21
C ASN A 331 -13.92 -35.26 -1.18
N LEU A 332 -13.94 -35.81 -2.38
CA LEU A 332 -14.72 -35.23 -3.48
C LEU A 332 -16.22 -35.11 -3.18
N ALA A 333 -16.83 -36.15 -2.63
CA ALA A 333 -18.25 -36.11 -2.29
C ALA A 333 -18.52 -35.03 -1.26
N ASN A 334 -17.73 -35.06 -0.19
CA ASN A 334 -17.86 -34.05 0.85
C ASN A 334 -17.68 -32.61 0.33
N THR A 335 -16.74 -32.44 -0.59
CA THR A 335 -16.51 -31.15 -1.20
C THR A 335 -17.77 -30.71 -1.96
N ALA A 336 -18.37 -31.62 -2.71
CA ALA A 336 -19.64 -31.35 -3.39
C ALA A 336 -20.77 -31.06 -2.40
N ARG A 337 -20.86 -31.86 -1.35
CA ARG A 337 -21.86 -31.62 -0.33
C ARG A 337 -21.73 -30.18 0.15
N CYS A 338 -20.49 -29.79 0.42
CA CYS A 338 -20.23 -28.52 1.07
C CYS A 338 -20.61 -27.37 0.18
N TRP A 339 -20.05 -27.37 -1.02
CA TRP A 339 -20.31 -26.29 -1.95
C TRP A 339 -21.78 -26.25 -2.40
N THR A 340 -22.40 -27.41 -2.51
CA THR A 340 -23.82 -27.46 -2.83
C THR A 340 -24.60 -26.79 -1.73
N TYR A 341 -24.31 -27.17 -0.51
CA TYR A 341 -24.97 -26.58 0.65
C TYR A 341 -24.81 -25.06 0.66
N LEU A 342 -23.59 -24.59 0.36
CA LEU A 342 -23.26 -23.16 0.44
C LEU A 342 -23.97 -22.36 -0.65
N THR A 343 -24.17 -23.01 -1.81
CA THR A 343 -24.97 -22.41 -2.88
C THR A 343 -26.40 -22.22 -2.35
N GLY A 344 -26.87 -23.22 -1.61
CA GLY A 344 -28.15 -23.12 -0.92
C GLY A 344 -28.24 -21.86 -0.09
N VAL A 345 -27.24 -21.67 0.74
CA VAL A 345 -27.18 -20.49 1.60
C VAL A 345 -27.17 -19.19 0.81
N ILE A 346 -26.42 -19.16 -0.26
CA ILE A 346 -26.40 -18.00 -1.11
C ILE A 346 -27.80 -17.68 -1.58
N LEU A 347 -28.55 -18.72 -1.96
CA LEU A 347 -29.89 -18.55 -2.51
C LEU A 347 -30.96 -18.38 -1.44
N GLY A 348 -30.59 -18.50 -0.18
CA GLY A 348 -31.57 -18.42 0.89
C GLY A 348 -32.48 -19.64 0.95
N LYS A 349 -32.10 -20.73 0.28
CA LYS A 349 -32.87 -21.99 0.32
C LYS A 349 -32.43 -22.96 1.41
N THR A 350 -33.37 -23.82 1.85
CA THR A 350 -33.11 -24.93 2.75
C THR A 350 -33.18 -26.19 1.93
N LEU A 351 -32.11 -26.98 1.94
CA LEU A 351 -32.04 -28.16 1.09
C LEU A 351 -32.46 -29.38 1.87
N SER A 352 -32.96 -30.39 1.17
CA SER A 352 -33.38 -31.59 1.86
C SER A 352 -32.13 -32.39 2.25
N SER A 353 -32.19 -32.98 3.45
CA SER A 353 -31.15 -33.91 3.94
C SER A 353 -30.87 -35.03 2.97
N GLU A 354 -31.91 -35.59 2.35
CA GLU A 354 -31.73 -36.72 1.44
C GLU A 354 -31.07 -36.27 0.13
N ILE A 355 -29.96 -36.90 -0.20
CA ILE A 355 -29.27 -36.66 -1.46
C ILE A 355 -30.17 -37.11 -2.63
N PRO A 356 -30.48 -36.21 -3.57
CA PRO A 356 -31.22 -36.59 -4.78
C PRO A 356 -30.47 -37.60 -5.63
N ASP A 357 -31.20 -38.38 -6.40
CA ASP A 357 -30.58 -39.31 -7.34
C ASP A 357 -30.00 -38.46 -8.47
N HIS A 358 -28.89 -38.92 -9.05
CA HIS A 358 -28.19 -38.19 -10.12
C HIS A 358 -26.95 -39.01 -10.48
N GLU A 359 -26.15 -38.52 -11.44
CA GLU A 359 -25.04 -39.30 -12.00
C GLU A 359 -24.18 -39.99 -10.95
N PHE A 360 -23.88 -39.30 -9.87
CA PHE A 360 -22.86 -39.74 -8.90
C PHE A 360 -23.44 -40.18 -7.56
N PHE A 361 -24.73 -40.51 -7.54
CA PHE A 361 -25.40 -40.90 -6.29
C PHE A 361 -24.60 -41.91 -5.46
N THR A 362 -23.98 -42.89 -6.10
CA THR A 362 -23.24 -43.95 -5.38
C THR A 362 -22.19 -43.44 -4.42
N ALA A 363 -21.53 -42.34 -4.79
CA ALA A 363 -20.42 -41.75 -4.02
C ALA A 363 -20.85 -41.15 -2.69
N TYR A 364 -22.15 -40.99 -2.50
CA TYR A 364 -22.66 -40.42 -1.25
C TYR A 364 -23.09 -41.49 -0.22
N GLY A 365 -22.64 -42.73 -0.43
CA GLY A 365 -22.97 -43.81 0.51
C GLY A 365 -22.03 -43.79 1.70
N PRO A 366 -22.38 -44.46 2.80
CA PRO A 366 -23.56 -45.35 2.86
C PRO A 366 -24.85 -44.68 3.28
N ASP A 367 -24.79 -43.45 3.78
CA ASP A 367 -25.98 -42.80 4.37
C ASP A 367 -26.77 -41.92 3.40
N TYR A 368 -26.13 -41.52 2.30
CA TYR A 368 -26.80 -40.71 1.25
C TYR A 368 -27.47 -39.43 1.78
N VAL A 369 -26.83 -38.74 2.70
CA VAL A 369 -27.32 -37.47 3.22
C VAL A 369 -26.35 -36.33 2.98
N LEU A 370 -26.86 -35.13 3.11
CA LEU A 370 -26.09 -33.90 2.80
C LEU A 370 -25.24 -33.46 3.96
N GLU A 371 -25.76 -33.62 5.17
CA GLU A 371 -25.03 -33.24 6.35
C GLU A 371 -23.76 -34.07 6.51
N ILE A 372 -22.79 -33.44 7.16
CA ILE A 372 -21.50 -34.03 7.41
C ILE A 372 -21.25 -34.07 8.90
N THR A 373 -20.65 -35.17 9.36
CA THR A 373 -20.47 -35.40 10.79
C THR A 373 -19.04 -35.13 11.21
N PRO A 374 -18.85 -34.27 12.21
CA PRO A 374 -17.50 -34.08 12.76
C PRO A 374 -16.87 -35.39 13.23
N SER A 375 -15.56 -35.54 13.03
CA SER A 375 -14.79 -36.66 13.56
C SER A 375 -14.73 -36.54 15.07
N CYS A 376 -14.31 -37.61 15.73
CA CYS A 376 -14.03 -37.56 17.14
C CYS A 376 -12.54 -37.44 17.37
N ARG A 377 -12.05 -36.21 17.29
CA ARG A 377 -10.66 -35.87 17.49
C ARG A 377 -10.64 -34.63 18.37
N PRO A 378 -9.51 -34.38 19.04
CA PRO A 378 -9.50 -33.24 19.98
C PRO A 378 -9.30 -31.90 19.27
N ASP A 379 -9.88 -30.87 19.86
CA ASP A 379 -9.63 -29.49 19.44
C ASP A 379 -8.32 -29.01 20.11
N ARG A 380 -7.25 -28.85 19.34
CA ARG A 380 -5.98 -28.46 19.90
C ARG A 380 -5.84 -26.94 20.04
N ASN A 381 -6.93 -26.20 20.02
CA ASN A 381 -6.84 -24.75 20.10
C ASN A 381 -7.12 -24.24 21.49
N GLU A 382 -6.04 -23.89 22.19
CA GLU A 382 -6.13 -23.37 23.55
C GLU A 382 -6.77 -21.98 23.54
N PRO A 383 -7.84 -21.78 24.33
CA PRO A 383 -8.62 -20.52 24.26
C PRO A 383 -7.85 -19.26 24.53
N HIS A 384 -6.86 -19.34 25.43
CA HIS A 384 -6.03 -18.17 25.73
C HIS A 384 -5.25 -17.78 24.51
N ARG A 385 -4.65 -18.75 23.83
CA ARG A 385 -3.86 -18.48 22.63
C ARG A 385 -4.71 -17.77 21.58
N ILE A 386 -5.92 -18.28 21.38
CA ILE A 386 -6.90 -17.70 20.44
C ILE A 386 -7.20 -16.27 20.81
N GLN A 387 -7.41 -16.02 22.09
CA GLN A 387 -7.73 -14.67 22.53
C GLN A 387 -6.55 -13.70 22.31
N GLN A 388 -5.32 -14.15 22.54
CA GLN A 388 -4.13 -13.36 22.21
C GLN A 388 -4.16 -12.96 20.74
N ILE A 389 -4.31 -13.96 19.89
CA ILE A 389 -4.35 -13.76 18.45
C ILE A 389 -5.42 -12.75 18.05
N LEU A 390 -6.63 -12.91 18.58
CA LEU A 390 -7.72 -12.00 18.24
C LEU A 390 -7.46 -10.56 18.67
N ASN A 391 -6.86 -10.38 19.84
CA ASN A 391 -6.53 -9.05 20.34
C ASN A 391 -5.45 -8.38 19.52
N TYR A 392 -4.38 -9.12 19.28
CA TYR A 392 -3.32 -8.66 18.41
C TYR A 392 -3.89 -8.09 17.11
N ILE A 393 -4.76 -8.87 16.48
CA ILE A 393 -5.42 -8.46 15.24
C ILE A 393 -6.26 -7.22 15.43
N LYS A 394 -7.10 -7.16 16.47
CA LYS A 394 -7.91 -5.96 16.66
C LYS A 394 -6.99 -4.72 16.79
N GLY A 395 -5.89 -4.86 17.52
CA GLY A 395 -4.87 -3.82 17.61
C GLY A 395 -4.35 -3.39 16.25
N ASN A 396 -3.92 -4.35 15.45
CA ASN A 396 -3.47 -4.06 14.08
C ASN A 396 -4.49 -3.27 13.27
N LEU A 397 -5.75 -3.62 13.40
CA LEU A 397 -6.77 -2.94 12.61
C LEU A 397 -7.16 -1.58 13.15
N LYS A 398 -6.74 -1.26 14.37
CA LYS A 398 -6.88 0.11 14.89
C LYS A 398 -6.16 1.04 13.92
N HIS A 399 -4.93 0.66 13.59
CA HIS A 399 -4.06 1.45 12.71
C HIS A 399 -4.71 1.77 11.38
N VAL A 400 -5.55 0.88 10.89
CA VAL A 400 -6.15 1.04 9.57
C VAL A 400 -7.18 2.18 9.45
N VAL A 401 -7.00 2.94 8.35
CA VAL A 401 -7.55 4.30 8.13
C VAL A 401 -8.42 4.34 6.84
N LEU B 38 -4.99 37.36 -31.27
CA LEU B 38 -5.84 37.37 -32.50
C LEU B 38 -5.83 36.00 -33.19
N VAL B 39 -4.62 35.47 -33.42
CA VAL B 39 -4.45 34.14 -34.07
C VAL B 39 -4.18 33.01 -33.06
N PRO B 40 -4.80 31.84 -33.29
CA PRO B 40 -4.60 30.74 -32.35
C PRO B 40 -3.17 30.25 -32.19
N VAL B 41 -2.78 29.96 -30.95
CA VAL B 41 -1.55 29.26 -30.66
C VAL B 41 -1.72 27.74 -30.80
N TYR B 42 -0.73 27.12 -31.43
CA TYR B 42 -0.71 25.68 -31.65
C TYR B 42 0.55 25.15 -30.97
N ILE B 43 0.37 24.42 -29.88
CA ILE B 43 1.49 23.90 -29.08
C ILE B 43 2.15 22.72 -29.79
N TYR B 44 3.38 22.89 -30.27
CA TYR B 44 4.05 21.84 -31.04
C TYR B 44 5.58 21.91 -31.06
N SER B 45 6.21 20.73 -30.95
CA SER B 45 7.65 20.43 -31.12
C SER B 45 7.67 19.21 -32.07
N PRO B 46 8.84 18.80 -32.60
CA PRO B 46 8.96 17.40 -33.09
C PRO B 46 9.28 16.47 -31.94
N GLU B 47 10.04 16.97 -30.98
CA GLU B 47 10.43 16.22 -29.79
C GLU B 47 9.20 15.86 -28.94
N TYR B 48 8.29 16.83 -28.81
CA TYR B 48 7.01 16.65 -28.11
C TYR B 48 6.11 15.62 -28.79
N VAL B 49 5.93 15.75 -30.08
CA VAL B 49 5.10 14.79 -30.83
C VAL B 49 5.71 13.40 -30.78
N SER B 50 7.03 13.34 -30.84
CA SER B 50 7.75 12.09 -30.80
C SER B 50 7.55 11.39 -29.47
N MET B 51 7.66 12.16 -28.40
CA MET B 51 7.36 11.69 -27.07
C MET B 51 5.92 11.16 -26.97
N CYS B 52 4.94 11.88 -27.50
CA CYS B 52 3.55 11.46 -27.44
C CYS B 52 3.27 10.26 -28.32
N ASP B 53 3.97 10.17 -29.46
CA ASP B 53 3.87 8.98 -30.32
C ASP B 53 4.28 7.68 -29.62
N SER B 54 5.18 7.78 -28.64
CA SER B 54 5.79 6.60 -27.98
C SER B 54 4.84 5.80 -27.05
N LEU B 55 3.56 6.16 -26.98
CA LEU B 55 2.57 5.39 -26.22
C LEU B 55 2.07 4.18 -27.01
N ALA B 56 2.24 2.97 -26.46
CA ALA B 56 2.00 1.70 -27.21
C ALA B 56 0.56 1.34 -27.61
N LYS B 57 -0.41 1.87 -26.87
CA LYS B 57 -1.88 1.65 -27.07
C LYS B 57 -2.50 2.60 -28.12
N ILE B 58 -1.85 3.74 -28.29
CA ILE B 58 -2.18 4.69 -29.36
C ILE B 58 -0.91 5.13 -30.10
N PRO B 59 -0.16 4.17 -30.68
CA PRO B 59 1.13 4.56 -31.25
C PRO B 59 0.97 5.49 -32.47
N LYS B 60 1.83 6.49 -32.53
CA LYS B 60 1.91 7.41 -33.67
C LYS B 60 0.66 8.35 -33.85
N ARG B 61 -0.21 8.41 -32.84
CA ARG B 61 -1.45 9.19 -32.97
C ARG B 61 -1.16 10.67 -33.07
N ALA B 62 -0.30 11.16 -32.18
CA ALA B 62 0.12 12.55 -32.17
C ALA B 62 0.73 12.98 -33.50
N SER B 63 1.53 12.09 -34.08
CA SER B 63 2.06 12.29 -35.42
C SER B 63 0.94 12.35 -36.47
N MET B 64 0.00 11.42 -36.40
CA MET B 64 -1.07 11.37 -37.41
C MET B 64 -1.88 12.65 -37.40
N VAL B 65 -2.13 13.15 -36.20
CA VAL B 65 -2.94 14.34 -36.01
C VAL B 65 -2.21 15.56 -36.55
N HIS B 66 -0.95 15.73 -36.15
CA HIS B 66 -0.15 16.86 -36.63
C HIS B 66 0.10 16.79 -38.14
N SER B 67 0.45 15.61 -38.59
CA SER B 67 0.68 15.34 -40.00
C SER B 67 -0.49 15.78 -40.87
N LEU B 68 -1.70 15.48 -40.41
CA LEU B 68 -2.91 15.79 -41.18
C LEU B 68 -3.28 17.27 -41.13
N ILE B 69 -2.98 17.90 -40.00
CA ILE B 69 -3.19 19.32 -39.83
C ILE B 69 -2.27 20.10 -40.78
N GLU B 70 -1.00 19.70 -40.75
CA GLU B 70 0.06 20.25 -41.63
C GLU B 70 -0.33 20.06 -43.09
N ALA B 71 -0.83 18.89 -43.43
CA ALA B 71 -1.21 18.57 -44.80
C ALA B 71 -2.42 19.34 -45.33
N TYR B 72 -3.19 19.95 -44.45
CA TYR B 72 -4.24 20.91 -44.87
C TYR B 72 -3.72 22.35 -44.66
N ALA B 73 -2.42 22.47 -44.37
CA ALA B 73 -1.70 23.75 -44.27
C ALA B 73 -2.23 24.69 -43.19
N LEU B 74 -2.80 24.11 -42.15
CA LEU B 74 -3.49 24.89 -41.13
C LEU B 74 -2.49 25.52 -40.19
N HIS B 75 -1.36 24.85 -40.00
CA HIS B 75 -0.27 25.39 -39.19
C HIS B 75 0.21 26.76 -39.71
N LYS B 76 0.12 26.94 -41.03
CA LYS B 76 0.47 28.22 -41.64
C LYS B 76 -0.43 29.36 -41.16
N GLN B 77 -1.57 29.06 -40.54
CA GLN B 77 -2.47 30.10 -40.03
C GLN B 77 -2.50 30.20 -38.50
N MET B 78 -1.54 29.56 -37.83
CA MET B 78 -1.48 29.52 -36.37
C MET B 78 -0.08 29.89 -35.87
N ARG B 79 0.02 30.30 -34.61
CA ARG B 79 1.32 30.56 -33.99
C ARG B 79 1.86 29.29 -33.32
N ILE B 80 2.90 28.72 -33.90
CA ILE B 80 3.50 27.49 -33.40
C ILE B 80 4.38 27.82 -32.21
N VAL B 81 4.16 27.14 -31.09
CA VAL B 81 4.88 27.43 -29.86
C VAL B 81 5.46 26.13 -29.32
N LYS B 82 6.77 26.10 -29.12
CA LYS B 82 7.41 24.91 -28.55
C LYS B 82 6.98 24.80 -27.09
N PRO B 83 6.53 23.61 -26.68
CA PRO B 83 6.11 23.44 -25.30
C PRO B 83 7.31 23.30 -24.40
N LYS B 84 7.17 23.77 -23.17
CA LYS B 84 8.15 23.51 -22.12
C LYS B 84 7.88 22.15 -21.50
N VAL B 85 8.87 21.63 -20.82
CA VAL B 85 8.71 20.44 -20.02
C VAL B 85 8.42 20.94 -18.62
N ALA B 86 7.45 20.34 -17.95
CA ALA B 86 7.06 20.83 -16.63
C ALA B 86 8.10 20.45 -15.58
N SER B 87 8.30 21.33 -14.62
CA SER B 87 9.19 21.06 -13.50
C SER B 87 8.46 20.29 -12.40
N MET B 88 9.21 19.65 -11.53
CA MET B 88 8.62 18.98 -10.37
C MET B 88 7.75 19.96 -9.57
N GLU B 89 8.22 21.19 -9.39
CA GLU B 89 7.44 22.23 -8.70
C GLU B 89 6.07 22.38 -9.35
N GLU B 90 6.07 22.59 -10.67
CA GLU B 90 4.83 22.77 -11.42
C GLU B 90 3.87 21.57 -11.33
N MET B 91 4.41 20.35 -11.49
CA MET B 91 3.57 19.15 -11.43
C MET B 91 2.98 18.92 -10.03
N ALA B 92 3.73 19.33 -9.02
CA ALA B 92 3.30 19.21 -7.63
C ALA B 92 2.24 20.23 -7.21
N THR B 93 1.87 21.18 -8.08
CA THR B 93 0.79 22.09 -7.73
C THR B 93 -0.51 21.32 -7.60
N PHE B 94 -0.60 20.16 -8.25
CA PHE B 94 -1.74 19.24 -8.07
C PHE B 94 -1.37 17.88 -7.48
N HIS B 95 -0.34 17.25 -8.03
CA HIS B 95 0.06 15.92 -7.60
C HIS B 95 0.95 15.92 -6.36
N THR B 96 0.96 14.79 -5.67
CA THR B 96 1.72 14.67 -4.44
C THR B 96 3.13 14.27 -4.80
N ASP B 97 4.07 14.65 -3.95
CA ASP B 97 5.45 14.31 -4.17
C ASP B 97 5.66 12.80 -4.15
N ALA B 98 4.99 12.12 -3.23
CA ALA B 98 5.09 10.67 -3.12
C ALA B 98 4.77 10.02 -4.47
N TYR B 99 3.73 10.54 -5.09
CA TYR B 99 3.27 9.99 -6.36
C TYR B 99 4.24 10.33 -7.47
N LEU B 100 4.62 11.60 -7.57
CA LEU B 100 5.55 12.04 -8.61
C LEU B 100 6.90 11.31 -8.52
N GLN B 101 7.42 11.20 -7.30
CA GLN B 101 8.67 10.48 -7.05
C GLN B 101 8.57 9.03 -7.47
N HIS B 102 7.47 8.38 -7.11
CA HIS B 102 7.24 6.99 -7.54
C HIS B 102 7.21 6.87 -9.08
N LEU B 103 6.51 7.81 -9.70
CA LEU B 103 6.38 7.82 -11.15
C LEU B 103 7.77 7.92 -11.76
N GLN B 104 8.58 8.78 -11.17
CA GLN B 104 9.97 8.98 -11.60
C GLN B 104 10.82 7.70 -11.53
N LYS B 105 10.76 7.00 -10.40
CA LYS B 105 11.49 5.75 -10.20
C LYS B 105 11.09 4.69 -11.18
N VAL B 106 9.79 4.51 -11.33
CA VAL B 106 9.27 3.52 -12.27
C VAL B 106 9.69 3.85 -13.71
N SER B 107 9.75 5.14 -14.03
CA SER B 107 10.20 5.60 -15.37
C SER B 107 11.63 5.20 -15.73
N GLN B 108 12.56 5.37 -14.77
CA GLN B 108 13.99 5.07 -14.92
C GLN B 108 14.30 3.57 -14.96
N GLU B 109 13.80 2.82 -13.98
CA GLU B 109 13.93 1.35 -13.96
C GLU B 109 12.51 0.79 -13.86
N GLY B 110 12.16 -0.18 -14.71
CA GLY B 110 10.77 -0.71 -14.84
C GLY B 110 9.93 -1.09 -13.60
N ASP B 111 8.99 -2.03 -13.79
CA ASP B 111 8.05 -2.40 -12.71
C ASP B 111 8.34 -3.73 -11.99
N ASP B 112 9.24 -4.55 -12.52
CA ASP B 112 9.49 -5.87 -11.90
C ASP B 112 9.96 -5.77 -10.43
N ASP B 113 10.63 -4.67 -10.07
CA ASP B 113 11.14 -4.43 -8.70
C ASP B 113 10.24 -3.43 -7.92
N HIS B 114 8.96 -3.35 -8.28
CA HIS B 114 8.05 -2.40 -7.64
C HIS B 114 6.65 -2.97 -7.49
N PRO B 115 6.41 -3.73 -6.41
CA PRO B 115 5.06 -4.27 -6.20
C PRO B 115 4.12 -3.26 -5.56
N ASP B 116 4.64 -2.09 -5.21
CA ASP B 116 3.80 -1.03 -4.63
C ASP B 116 3.21 -0.07 -5.68
N SER B 117 3.45 -0.35 -6.96
CA SER B 117 2.89 0.44 -8.04
C SER B 117 1.36 0.42 -8.05
N ILE B 118 0.78 -0.65 -7.53
CA ILE B 118 -0.68 -0.78 -7.43
C ILE B 118 -1.27 0.38 -6.59
N GLU B 119 -0.53 0.78 -5.56
CA GLU B 119 -0.95 1.86 -4.67
C GLU B 119 -1.10 3.18 -5.41
N TYR B 120 -0.38 3.35 -6.51
CA TYR B 120 -0.36 4.63 -7.22
C TYR B 120 -1.08 4.49 -8.56
N GLY B 121 -1.87 3.43 -8.70
CA GLY B 121 -2.78 3.29 -9.83
C GLY B 121 -2.16 2.76 -11.10
N LEU B 122 -0.90 2.34 -11.02
CA LEU B 122 -0.26 1.75 -12.17
C LEU B 122 -0.66 0.30 -12.27
N GLY B 123 -0.68 -0.24 -13.47
CA GLY B 123 -1.17 -1.60 -13.68
C GLY B 123 -1.61 -1.74 -15.11
N TYR B 124 -2.55 -2.66 -15.37
CA TYR B 124 -2.95 -2.91 -16.74
C TYR B 124 -3.42 -1.63 -17.41
N ASP B 125 -4.25 -0.87 -16.69
CA ASP B 125 -4.86 0.37 -17.22
C ASP B 125 -3.86 1.52 -17.37
N CYS B 126 -2.87 1.61 -16.50
CA CYS B 126 -1.75 2.54 -16.70
C CYS B 126 -0.39 1.83 -16.61
N PRO B 127 0.03 1.17 -17.69
CA PRO B 127 1.24 0.36 -17.62
C PRO B 127 2.43 1.13 -17.06
N ALA B 128 3.24 0.45 -16.27
CA ALA B 128 4.39 1.07 -15.62
C ALA B 128 5.63 1.03 -16.51
N THR B 129 5.48 1.39 -17.76
CA THR B 129 6.55 1.28 -18.75
C THR B 129 7.63 2.33 -18.53
N GLU B 130 8.83 2.03 -18.98
CA GLU B 130 9.96 2.95 -18.80
C GLU B 130 9.74 4.21 -19.65
N GLY B 131 10.18 5.35 -19.13
CA GLY B 131 10.05 6.63 -19.81
C GLY B 131 8.74 7.39 -19.61
N ILE B 132 7.87 6.89 -18.75
CA ILE B 132 6.56 7.54 -18.59
C ILE B 132 6.61 8.85 -17.82
N PHE B 133 7.60 9.02 -16.94
CA PHE B 133 7.70 10.30 -16.23
C PHE B 133 7.99 11.43 -17.19
N ASP B 134 8.88 11.16 -18.15
CA ASP B 134 9.27 12.18 -19.13
C ASP B 134 8.05 12.54 -19.99
N TYR B 135 7.33 11.50 -20.40
CA TYR B 135 6.08 11.66 -21.12
C TYR B 135 5.13 12.56 -20.33
N ALA B 136 4.92 12.20 -19.07
CA ALA B 136 4.05 12.97 -18.21
C ALA B 136 4.42 14.42 -18.20
N ALA B 137 5.70 14.68 -17.96
CA ALA B 137 6.19 16.06 -17.81
C ALA B 137 6.08 16.85 -19.10
N ALA B 138 6.22 16.16 -20.23
CA ALA B 138 6.09 16.81 -21.53
C ALA B 138 4.68 17.37 -21.68
N ILE B 139 3.73 16.49 -21.42
CA ILE B 139 2.32 16.77 -21.62
C ILE B 139 1.79 17.83 -20.64
N GLY B 140 2.18 17.70 -19.38
CA GLY B 140 1.86 18.72 -18.38
C GLY B 140 2.42 20.08 -18.77
N GLY B 141 3.70 20.09 -19.15
CA GLY B 141 4.34 21.31 -19.65
C GLY B 141 3.67 21.93 -20.88
N ALA B 142 3.29 21.07 -21.82
CA ALA B 142 2.60 21.52 -23.01
C ALA B 142 1.33 22.30 -22.65
N THR B 143 0.54 21.72 -21.75
CA THR B 143 -0.74 22.30 -21.38
C THR B 143 -0.53 23.59 -20.61
N ILE B 144 0.48 23.59 -19.76
CA ILE B 144 0.82 24.78 -18.99
C ILE B 144 1.27 25.89 -19.92
N THR B 145 2.15 25.54 -20.84
CA THR B 145 2.60 26.50 -21.84
C THR B 145 1.40 27.16 -22.53
N ALA B 146 0.43 26.32 -22.90
CA ALA B 146 -0.80 26.80 -23.54
C ALA B 146 -1.52 27.81 -22.68
N ALA B 147 -1.62 27.49 -21.41
CA ALA B 147 -2.30 28.34 -20.44
C ALA B 147 -1.54 29.65 -20.29
N GLN B 148 -0.21 29.56 -20.32
CA GLN B 148 0.66 30.72 -20.16
C GLN B 148 0.51 31.67 -21.34
N CYS B 149 0.41 31.12 -22.53
CA CYS B 149 0.14 31.96 -23.69
C CYS B 149 -1.17 32.72 -23.50
N LEU B 150 -2.19 32.07 -22.96
CA LEU B 150 -3.49 32.72 -22.81
C LEU B 150 -3.43 33.84 -21.77
N ILE B 151 -2.77 33.56 -20.66
CA ILE B 151 -2.51 34.54 -19.61
C ILE B 151 -1.83 35.78 -20.19
N ASP B 152 -0.79 35.52 -20.96
CA ASP B 152 0.00 36.59 -21.58
C ASP B 152 -0.71 37.38 -22.67
N GLY B 153 -1.95 37.03 -23.01
CA GLY B 153 -2.66 37.73 -24.11
C GLY B 153 -2.10 37.47 -25.50
N MET B 154 -1.16 36.53 -25.60
CA MET B 154 -0.63 36.07 -26.90
C MET B 154 -1.73 35.59 -27.84
N CYS B 155 -2.82 35.05 -27.30
CA CYS B 155 -3.94 34.54 -28.11
C CYS B 155 -5.21 34.48 -27.29
N LYS B 156 -6.33 34.23 -27.95
CA LYS B 156 -7.60 33.93 -27.27
C LYS B 156 -7.90 32.42 -27.24
N VAL B 157 -7.22 31.66 -28.09
CA VAL B 157 -7.39 30.22 -28.16
C VAL B 157 -6.03 29.54 -28.28
N ALA B 158 -5.78 28.56 -27.45
CA ALA B 158 -4.50 27.86 -27.46
C ALA B 158 -4.76 26.35 -27.44
N ILE B 159 -4.01 25.62 -28.26
CA ILE B 159 -4.32 24.24 -28.60
C ILE B 159 -3.22 23.25 -28.22
N ASN B 160 -3.57 22.21 -27.45
CA ASN B 160 -2.68 21.08 -27.19
C ASN B 160 -3.44 19.79 -27.40
N TRP B 161 -3.53 19.35 -28.64
CA TRP B 161 -4.30 18.16 -28.98
C TRP B 161 -3.84 16.87 -28.30
N SER B 162 -2.60 16.80 -27.84
CA SER B 162 -2.11 15.53 -27.25
C SER B 162 -2.20 15.59 -25.70
N GLY B 163 -2.85 16.63 -25.19
CA GLY B 163 -3.30 16.67 -23.80
C GLY B 163 -4.75 16.20 -23.61
N GLY B 164 -5.25 16.42 -22.40
CA GLY B 164 -6.63 16.08 -22.01
C GLY B 164 -6.77 14.82 -21.17
N TRP B 165 -5.74 14.47 -20.42
CA TRP B 165 -5.72 13.21 -19.68
C TRP B 165 -6.41 13.35 -18.33
N HIS B 166 -7.73 13.25 -18.42
CA HIS B 166 -8.64 13.81 -17.41
C HIS B 166 -8.98 12.92 -16.19
N HIS B 167 -8.51 11.68 -16.19
CA HIS B 167 -8.77 10.73 -15.12
C HIS B 167 -7.78 10.74 -13.97
N ALA B 168 -6.58 11.25 -14.19
CA ALA B 168 -5.53 11.12 -13.19
C ALA B 168 -5.91 11.84 -11.91
N LYS B 169 -5.65 11.21 -10.77
CA LYS B 169 -5.93 11.79 -9.47
C LYS B 169 -4.63 12.32 -8.88
N LYS B 170 -4.74 13.09 -7.80
CA LYS B 170 -3.58 13.75 -7.24
C LYS B 170 -2.44 12.78 -6.91
N ASP B 171 -2.80 11.57 -6.53
CA ASP B 171 -1.79 10.60 -6.09
C ASP B 171 -2.01 9.24 -6.70
N GLU B 172 -2.65 9.20 -7.87
CA GLU B 172 -3.00 7.94 -8.46
C GLU B 172 -3.20 8.09 -9.96
N ALA B 173 -2.51 7.26 -10.73
CA ALA B 173 -2.78 7.14 -12.15
C ALA B 173 -4.14 6.47 -12.31
N SER B 174 -4.78 6.67 -13.46
CA SER B 174 -6.11 6.11 -13.69
C SER B 174 -6.53 6.26 -15.15
N GLY B 175 -7.17 5.24 -15.70
CA GLY B 175 -7.71 5.29 -17.04
C GLY B 175 -6.70 5.78 -18.07
N PHE B 176 -5.51 5.22 -18.00
CA PHE B 176 -4.44 5.55 -18.94
C PHE B 176 -3.96 7.01 -18.84
N CYS B 177 -4.29 7.66 -17.73
CA CYS B 177 -3.85 9.01 -17.44
C CYS B 177 -2.86 8.99 -16.27
N TYR B 178 -1.62 9.36 -16.56
CA TYR B 178 -0.53 9.35 -15.57
C TYR B 178 -0.45 10.67 -14.85
N LEU B 179 -0.93 11.72 -15.51
CA LEU B 179 -0.79 13.06 -15.00
C LEU B 179 -1.91 13.91 -15.56
N ASN B 180 -2.59 14.64 -14.70
CA ASN B 180 -3.73 15.42 -15.09
C ASN B 180 -3.33 16.79 -15.59
N ASP B 181 -3.03 16.86 -16.87
CA ASP B 181 -2.58 18.10 -17.48
C ASP B 181 -3.70 19.13 -17.50
N ALA B 182 -4.93 18.67 -17.65
CA ALA B 182 -6.08 19.58 -17.65
C ALA B 182 -6.10 20.40 -16.36
N VAL B 183 -5.95 19.71 -15.24
CA VAL B 183 -5.95 20.36 -13.93
C VAL B 183 -4.80 21.38 -13.85
N LEU B 184 -3.61 20.96 -14.28
CA LEU B 184 -2.45 21.86 -14.20
C LEU B 184 -2.70 23.13 -15.00
N GLY B 185 -3.31 22.96 -16.16
CA GLY B 185 -3.65 24.11 -17.00
C GLY B 185 -4.63 25.02 -16.29
N ILE B 186 -5.66 24.43 -15.70
CA ILE B 186 -6.67 25.21 -15.00
C ILE B 186 -6.03 26.00 -13.88
N LEU B 187 -5.14 25.35 -13.13
CA LEU B 187 -4.44 26.00 -12.04
C LEU B 187 -3.59 27.16 -12.55
N ARG B 188 -2.86 26.94 -13.62
CA ARG B 188 -2.08 28.04 -14.19
C ARG B 188 -2.98 29.20 -14.56
N LEU B 189 -4.08 28.92 -15.25
CA LEU B 189 -5.04 29.97 -15.63
C LEU B 189 -5.56 30.78 -14.45
N ARG B 190 -5.67 30.15 -13.29
CA ARG B 190 -6.19 30.83 -12.11
C ARG B 190 -5.35 32.02 -11.67
N ARG B 191 -4.06 32.03 -12.02
CA ARG B 191 -3.23 33.20 -11.76
C ARG B 191 -3.84 34.51 -12.25
N LYS B 192 -4.45 34.51 -13.43
CA LYS B 192 -5.07 35.70 -14.01
C LYS B 192 -6.59 35.69 -13.95
N PHE B 193 -7.20 34.52 -14.13
CA PHE B 193 -8.66 34.42 -14.28
C PHE B 193 -9.32 33.89 -13.02
N GLU B 194 -10.35 34.60 -12.54
CA GLU B 194 -10.95 34.32 -11.24
C GLU B 194 -11.85 33.10 -11.27
N ARG B 195 -12.61 32.99 -12.34
CA ARG B 195 -13.55 31.88 -12.51
C ARG B 195 -13.26 31.14 -13.81
N ILE B 196 -13.14 29.81 -13.72
CA ILE B 196 -12.79 29.00 -14.90
C ILE B 196 -13.80 27.86 -15.15
N LEU B 197 -14.18 27.74 -16.41
CA LEU B 197 -15.14 26.71 -16.82
C LEU B 197 -14.41 25.57 -17.51
N TYR B 198 -14.57 24.36 -16.99
CA TYR B 198 -14.04 23.18 -17.64
C TYR B 198 -15.16 22.44 -18.29
N VAL B 199 -15.03 22.20 -19.58
CA VAL B 199 -16.04 21.49 -20.35
C VAL B 199 -15.40 20.25 -20.99
N ASP B 200 -16.05 19.11 -20.80
CA ASP B 200 -15.44 17.83 -21.09
C ASP B 200 -16.38 17.01 -21.95
N LEU B 201 -16.07 16.98 -23.25
CA LEU B 201 -16.91 16.28 -24.24
C LEU B 201 -16.41 14.90 -24.62
N ASP B 202 -15.36 14.43 -23.95
CA ASP B 202 -14.95 13.04 -24.06
C ASP B 202 -16.10 12.11 -23.71
N LEU B 203 -16.03 10.90 -24.22
CA LEU B 203 -17.07 9.90 -23.97
C LEU B 203 -17.14 9.61 -22.50
N HIS B 204 -15.98 9.69 -21.84
CA HIS B 204 -15.87 9.32 -20.45
C HIS B 204 -16.08 10.53 -19.53
N HIS B 205 -16.58 10.22 -18.33
CA HIS B 205 -16.69 11.18 -17.26
C HIS B 205 -15.32 11.72 -16.88
N GLY B 206 -15.22 13.04 -16.79
CA GLY B 206 -13.98 13.71 -16.44
C GLY B 206 -13.79 13.77 -14.94
N ASP B 207 -13.62 12.60 -14.34
CA ASP B 207 -13.66 12.46 -12.88
C ASP B 207 -12.45 13.08 -12.17
N GLY B 208 -11.26 12.90 -12.75
CA GLY B 208 -10.04 13.41 -12.16
C GLY B 208 -10.09 14.91 -12.00
N VAL B 209 -10.58 15.58 -13.03
CA VAL B 209 -10.63 17.02 -13.03
C VAL B 209 -11.76 17.48 -12.10
N GLU B 210 -12.91 16.82 -12.17
CA GLU B 210 -14.03 17.13 -11.28
C GLU B 210 -13.62 17.06 -9.84
N ASP B 211 -13.02 15.93 -9.47
CA ASP B 211 -12.63 15.66 -8.09
C ASP B 211 -11.68 16.71 -7.58
N ALA B 212 -10.79 17.16 -8.44
CA ALA B 212 -9.81 18.16 -8.03
C ALA B 212 -10.46 19.47 -7.62
N PHE B 213 -11.62 19.75 -8.20
CA PHE B 213 -12.28 21.02 -7.93
C PHE B 213 -13.65 20.85 -7.31
N SER B 214 -13.95 19.66 -6.82
CA SER B 214 -15.32 19.37 -6.38
C SER B 214 -15.72 20.22 -5.20
N PHE B 215 -14.74 20.65 -4.41
CA PHE B 215 -14.98 21.44 -3.19
C PHE B 215 -14.85 22.94 -3.37
N THR B 216 -14.69 23.40 -4.61
CA THR B 216 -14.61 24.83 -4.89
C THR B 216 -15.60 25.28 -5.96
N SER B 217 -16.00 26.54 -5.79
CA SER B 217 -16.85 27.27 -6.71
C SER B 217 -16.03 28.15 -7.67
N LYS B 218 -14.72 28.20 -7.50
CA LYS B 218 -13.88 28.98 -8.43
C LYS B 218 -13.68 28.31 -9.79
N VAL B 219 -13.90 27.00 -9.83
CA VAL B 219 -13.84 26.23 -11.07
C VAL B 219 -15.14 25.43 -11.20
N MET B 220 -15.82 25.60 -12.33
CA MET B 220 -16.97 24.76 -12.65
C MET B 220 -16.60 23.72 -13.71
N THR B 221 -16.96 22.47 -13.45
CA THR B 221 -16.72 21.36 -14.37
C THR B 221 -18.04 20.88 -14.93
N VAL B 222 -18.05 20.73 -16.25
CA VAL B 222 -19.22 20.24 -16.98
C VAL B 222 -18.76 19.07 -17.82
N SER B 223 -19.36 17.90 -17.61
CA SER B 223 -19.05 16.73 -18.43
C SER B 223 -20.29 16.11 -19.03
N LEU B 224 -20.22 15.88 -20.34
CA LEU B 224 -21.16 15.01 -21.06
C LEU B 224 -20.47 13.68 -21.29
N HIS B 225 -21.14 12.59 -20.98
CA HIS B 225 -20.50 11.28 -21.05
C HIS B 225 -21.49 10.17 -21.00
N LYS B 226 -21.03 9.01 -21.45
CA LYS B 226 -21.81 7.80 -21.30
C LYS B 226 -21.81 7.42 -19.84
N PHE B 227 -22.99 7.09 -19.33
CA PHE B 227 -23.15 6.62 -17.95
C PHE B 227 -23.98 5.34 -17.96
N SER B 228 -23.39 4.25 -17.49
CA SER B 228 -23.97 2.92 -17.65
C SER B 228 -23.32 1.87 -16.81
N PRO B 229 -24.10 0.89 -16.34
CA PRO B 229 -23.55 -0.06 -15.38
C PRO B 229 -22.32 -0.74 -15.96
N GLY B 230 -21.21 -0.64 -15.26
CA GLY B 230 -19.97 -1.25 -15.72
C GLY B 230 -19.06 -0.37 -16.56
N PHE B 231 -19.58 0.72 -17.09
CA PHE B 231 -18.81 1.58 -17.97
C PHE B 231 -17.93 2.51 -17.19
N PHE B 232 -16.65 2.55 -17.58
CA PHE B 232 -15.64 3.32 -16.85
C PHE B 232 -15.92 4.84 -16.91
N PRO B 233 -15.65 5.60 -15.86
CA PRO B 233 -15.11 5.11 -14.60
C PRO B 233 -16.20 4.79 -13.59
N GLY B 234 -17.46 4.87 -14.00
CA GLY B 234 -18.55 4.52 -13.12
C GLY B 234 -19.15 5.70 -12.41
N THR B 235 -18.46 6.82 -12.40
CA THR B 235 -18.95 8.03 -11.73
C THR B 235 -19.65 8.95 -12.72
N GLY B 236 -20.24 10.02 -12.22
CA GLY B 236 -20.80 11.07 -13.06
C GLY B 236 -22.29 11.07 -13.30
N ASP B 237 -23.08 10.51 -12.40
CA ASP B 237 -24.54 10.59 -12.60
C ASP B 237 -24.97 12.04 -12.45
N VAL B 238 -26.15 12.38 -12.94
CA VAL B 238 -26.59 13.79 -12.93
C VAL B 238 -26.66 14.38 -11.51
N SER B 239 -26.92 13.52 -10.53
CA SER B 239 -26.95 13.93 -9.11
C SER B 239 -25.54 14.19 -8.47
N ASP B 240 -24.48 13.95 -9.22
CA ASP B 240 -23.13 14.38 -8.85
C ASP B 240 -23.06 15.89 -9.11
N VAL B 241 -22.99 16.66 -8.04
CA VAL B 241 -23.10 18.11 -8.15
C VAL B 241 -22.00 18.92 -7.45
N GLY B 242 -21.08 18.23 -6.78
CA GLY B 242 -20.03 18.87 -6.01
C GLY B 242 -20.32 18.83 -4.53
N LEU B 243 -19.41 19.37 -3.73
CA LEU B 243 -19.48 19.30 -2.26
C LEU B 243 -19.03 20.59 -1.56
N GLY B 244 -19.54 20.78 -0.36
CA GLY B 244 -19.27 21.99 0.39
C GLY B 244 -19.54 23.21 -0.45
N LYS B 245 -18.56 24.10 -0.54
CA LYS B 245 -18.68 25.33 -1.31
C LYS B 245 -18.77 25.05 -2.80
N GLY B 246 -18.31 23.87 -3.20
CA GLY B 246 -18.38 23.42 -4.59
C GLY B 246 -19.69 22.76 -5.03
N ARG B 247 -20.58 22.54 -4.08
CA ARG B 247 -21.93 22.04 -4.39
C ARG B 247 -22.63 22.90 -5.44
N TYR B 248 -23.15 22.24 -6.46
CA TYR B 248 -23.71 22.86 -7.69
C TYR B 248 -22.67 23.37 -8.70
N TYR B 249 -21.38 23.25 -8.38
CA TYR B 249 -20.31 23.71 -9.28
C TYR B 249 -19.59 22.51 -9.97
N SER B 250 -20.33 21.40 -10.02
CA SER B 250 -20.04 20.26 -10.84
C SER B 250 -21.33 19.98 -11.61
N VAL B 251 -21.24 19.93 -12.94
CA VAL B 251 -22.38 19.53 -13.78
C VAL B 251 -22.09 18.24 -14.54
N ASN B 252 -23.06 17.33 -14.55
CA ASN B 252 -22.89 16.04 -15.19
C ASN B 252 -24.08 15.64 -15.98
N VAL B 253 -23.84 15.23 -17.22
CA VAL B 253 -24.89 14.85 -18.13
C VAL B 253 -24.67 13.41 -18.57
N PRO B 254 -25.40 12.46 -17.94
CA PRO B 254 -25.29 11.07 -18.32
C PRO B 254 -26.04 10.81 -19.58
N ILE B 255 -25.39 10.17 -20.54
CA ILE B 255 -25.96 9.91 -21.84
C ILE B 255 -25.81 8.45 -22.22
N GLN B 256 -26.82 7.92 -22.94
CA GLN B 256 -26.83 6.51 -23.36
C GLN B 256 -26.30 6.33 -24.79
N ASP B 257 -25.97 5.09 -25.12
CA ASP B 257 -25.47 4.72 -26.46
C ASP B 257 -26.26 5.25 -27.62
N GLY B 258 -25.56 5.52 -28.71
CA GLY B 258 -26.19 5.79 -29.98
C GLY B 258 -26.65 7.20 -30.20
N ILE B 259 -26.15 8.13 -29.41
CA ILE B 259 -26.50 9.53 -29.61
C ILE B 259 -25.82 10.08 -30.84
N GLN B 260 -26.55 10.93 -31.55
CA GLN B 260 -26.08 11.59 -32.77
C GLN B 260 -26.00 13.11 -32.66
N ASP B 261 -25.37 13.70 -33.65
CA ASP B 261 -25.01 15.10 -33.65
C ASP B 261 -26.11 16.03 -33.21
N GLU B 262 -27.28 15.91 -33.82
CA GLU B 262 -28.32 16.92 -33.59
C GLU B 262 -28.75 16.93 -32.12
N LYS B 263 -29.10 15.78 -31.59
CA LYS B 263 -29.61 15.67 -30.22
C LYS B 263 -28.53 16.03 -29.19
N TYR B 264 -27.30 15.60 -29.44
CA TYR B 264 -26.18 15.94 -28.58
C TYR B 264 -26.01 17.45 -28.48
N TYR B 265 -26.01 18.12 -29.63
CA TYR B 265 -25.89 19.58 -29.62
C TYR B 265 -27.04 20.27 -28.86
N GLN B 266 -28.26 19.79 -29.06
CA GLN B 266 -29.40 20.32 -28.32
C GLN B 266 -29.11 20.25 -26.83
N ILE B 267 -28.70 19.07 -26.38
CA ILE B 267 -28.29 18.88 -24.99
C ILE B 267 -27.18 19.82 -24.60
N CYS B 268 -26.07 19.75 -25.32
CA CYS B 268 -24.91 20.54 -24.98
C CYS B 268 -25.23 22.03 -24.88
N GLU B 269 -25.85 22.56 -25.91
CA GLU B 269 -26.12 23.98 -25.98
C GLU B 269 -27.13 24.42 -24.91
N SER B 270 -28.13 23.58 -24.69
CA SER B 270 -29.08 23.86 -23.65
C SER B 270 -28.36 24.03 -22.31
N VAL B 271 -27.50 23.07 -21.96
CA VAL B 271 -26.68 23.14 -20.75
C VAL B 271 -25.70 24.32 -20.70
N LEU B 272 -24.98 24.56 -21.78
CA LEU B 272 -23.95 25.60 -21.75
C LEU B 272 -24.55 27.01 -21.65
N LYS B 273 -25.72 27.22 -22.23
CA LYS B 273 -26.41 28.50 -22.08
C LYS B 273 -26.66 28.79 -20.60
N GLU B 274 -27.25 27.82 -19.89
CA GLU B 274 -27.54 27.98 -18.46
C GLU B 274 -26.26 28.27 -17.69
N VAL B 275 -25.20 27.53 -18.04
CA VAL B 275 -23.94 27.62 -17.33
C VAL B 275 -23.28 28.99 -17.47
N TYR B 276 -23.24 29.49 -18.70
CA TYR B 276 -22.66 30.80 -18.99
C TYR B 276 -23.34 31.87 -18.13
N GLN B 277 -24.66 31.87 -18.17
CA GLN B 277 -25.45 32.84 -17.43
C GLN B 277 -25.22 32.74 -15.92
N ALA B 278 -25.23 31.52 -15.41
CA ALA B 278 -25.10 31.26 -13.97
C ALA B 278 -23.67 31.45 -13.43
N PHE B 279 -22.68 31.04 -14.19
CA PHE B 279 -21.32 30.97 -13.68
C PHE B 279 -20.51 32.13 -14.18
N ASN B 280 -20.86 32.63 -15.35
CA ASN B 280 -20.19 33.79 -15.92
C ASN B 280 -18.66 33.65 -15.90
N PRO B 281 -18.13 32.65 -16.62
CA PRO B 281 -16.70 32.39 -16.55
C PRO B 281 -15.83 33.43 -17.25
N LYS B 282 -14.58 33.52 -16.80
CA LYS B 282 -13.58 34.41 -17.40
C LYS B 282 -12.62 33.69 -18.36
N ALA B 283 -12.52 32.37 -18.20
CA ALA B 283 -11.72 31.54 -19.10
C ALA B 283 -12.30 30.14 -19.19
N VAL B 284 -11.89 29.42 -20.22
CA VAL B 284 -12.43 28.10 -20.51
C VAL B 284 -11.36 27.08 -20.89
N VAL B 285 -11.45 25.89 -20.29
CA VAL B 285 -10.66 24.73 -20.70
C VAL B 285 -11.60 23.67 -21.24
N LEU B 286 -11.30 23.19 -22.43
CA LEU B 286 -12.24 22.40 -23.24
C LEU B 286 -11.60 21.12 -23.73
N GLN B 287 -12.11 19.99 -23.24
CA GLN B 287 -11.54 18.67 -23.53
C GLN B 287 -12.41 18.07 -24.60
N LEU B 288 -11.79 17.61 -25.69
CA LEU B 288 -12.53 17.17 -26.88
C LEU B 288 -12.19 15.78 -27.35
N GLY B 289 -11.95 14.89 -26.40
CA GLY B 289 -11.73 13.49 -26.73
C GLY B 289 -12.65 12.99 -27.83
N ALA B 290 -12.05 12.30 -28.81
CA ALA B 290 -12.82 11.84 -29.99
C ALA B 290 -13.28 10.39 -29.92
N ASP B 291 -13.28 9.80 -28.73
CA ASP B 291 -13.87 8.48 -28.54
C ASP B 291 -15.40 8.46 -28.54
N THR B 292 -16.02 9.60 -28.84
CA THR B 292 -17.46 9.67 -29.06
C THR B 292 -17.81 9.46 -30.51
N ILE B 293 -16.78 9.41 -31.35
CA ILE B 293 -17.01 9.43 -32.81
C ILE B 293 -17.34 8.04 -33.33
N ALA B 294 -18.36 8.00 -34.18
CA ALA B 294 -18.71 6.77 -34.91
C ALA B 294 -17.45 6.10 -35.42
N GLY B 295 -17.33 4.80 -35.18
CA GLY B 295 -16.19 4.03 -35.64
C GLY B 295 -15.16 3.78 -34.57
N ASP B 296 -15.38 4.29 -33.38
CA ASP B 296 -14.39 4.13 -32.31
C ASP B 296 -14.57 2.74 -31.72
N PRO B 297 -13.48 2.06 -31.35
CA PRO B 297 -13.59 0.78 -30.66
C PRO B 297 -14.57 0.83 -29.46
N MET B 298 -14.57 1.91 -28.70
CA MET B 298 -15.54 2.16 -27.64
C MET B 298 -16.97 1.87 -28.07
N CYS B 299 -17.25 2.12 -29.34
CA CYS B 299 -18.49 1.67 -29.93
C CYS B 299 -19.68 2.01 -29.04
N SER B 300 -19.81 3.28 -28.65
CA SER B 300 -20.91 3.71 -27.77
C SER B 300 -21.72 4.87 -28.34
N PHE B 301 -21.11 6.03 -28.48
CA PHE B 301 -21.82 7.17 -29.08
C PHE B 301 -21.73 7.01 -30.58
N ASN B 302 -22.51 7.84 -31.29
CA ASN B 302 -22.58 7.79 -32.75
C ASN B 302 -22.47 9.19 -33.37
N MET B 303 -21.44 9.90 -32.95
CA MET B 303 -21.27 11.28 -33.32
C MET B 303 -20.37 11.42 -34.54
N THR B 304 -20.40 12.62 -35.11
CA THR B 304 -19.41 13.05 -36.10
C THR B 304 -18.79 14.37 -35.68
N PRO B 305 -17.66 14.73 -36.30
CA PRO B 305 -16.97 15.94 -35.84
C PRO B 305 -17.79 17.19 -36.07
N VAL B 306 -18.73 17.13 -36.98
CA VAL B 306 -19.58 18.27 -37.22
C VAL B 306 -20.38 18.60 -35.95
N GLY B 307 -20.95 17.58 -35.34
CA GLY B 307 -21.74 17.77 -34.12
C GLY B 307 -20.88 18.40 -33.03
N ILE B 308 -19.69 17.85 -32.81
CA ILE B 308 -18.76 18.37 -31.81
C ILE B 308 -18.33 19.78 -32.18
N GLY B 309 -18.10 20.03 -33.46
CA GLY B 309 -17.73 21.36 -33.94
C GLY B 309 -18.76 22.43 -33.60
N LYS B 310 -20.04 22.09 -33.73
CA LYS B 310 -21.10 23.02 -33.33
C LYS B 310 -20.97 23.43 -31.86
N CYS B 311 -20.76 22.44 -31.01
CA CYS B 311 -20.53 22.69 -29.59
C CYS B 311 -19.32 23.59 -29.39
N LEU B 312 -18.29 23.32 -30.17
CA LEU B 312 -17.10 24.13 -30.12
C LEU B 312 -17.40 25.57 -30.51
N LYS B 313 -18.09 25.74 -31.63
CA LYS B 313 -18.44 27.09 -32.10
C LYS B 313 -19.12 27.86 -31.01
N TYR B 314 -20.07 27.21 -30.36
CA TYR B 314 -20.88 27.86 -29.35
C TYR B 314 -20.01 28.42 -28.23
N ILE B 315 -19.03 27.66 -27.79
CA ILE B 315 -18.10 28.15 -26.77
C ILE B 315 -17.24 29.29 -27.32
N LEU B 316 -16.73 29.12 -28.53
CA LEU B 316 -15.89 30.15 -29.16
C LEU B 316 -16.58 31.51 -29.28
N GLN B 317 -17.87 31.53 -29.64
CA GLN B 317 -18.60 32.79 -29.77
C GLN B 317 -18.69 33.59 -28.44
N TRP B 318 -18.37 32.96 -27.31
CA TRP B 318 -18.21 33.70 -26.06
C TRP B 318 -17.00 34.63 -26.04
N GLN B 319 -16.03 34.40 -26.91
CA GLN B 319 -14.86 35.27 -26.98
C GLN B 319 -13.93 35.22 -25.78
N LEU B 320 -13.99 34.16 -24.99
CA LEU B 320 -13.12 34.04 -23.81
C LEU B 320 -11.82 33.32 -24.11
N ALA B 321 -10.84 33.51 -23.21
CA ALA B 321 -9.57 32.77 -23.28
C ALA B 321 -9.89 31.28 -23.20
N THR B 322 -9.45 30.53 -24.20
CA THR B 322 -9.88 29.14 -24.36
C THR B 322 -8.71 28.20 -24.60
N LEU B 323 -8.57 27.25 -23.68
CA LEU B 323 -7.55 26.22 -23.76
C LEU B 323 -8.20 24.94 -24.32
N ILE B 324 -7.74 24.53 -25.50
CA ILE B 324 -8.28 23.37 -26.22
C ILE B 324 -7.40 22.14 -26.07
N LEU B 325 -8.05 21.04 -25.69
CA LEU B 325 -7.36 19.79 -25.40
C LEU B 325 -7.99 18.65 -26.13
N GLY B 326 -7.16 17.64 -26.37
CA GLY B 326 -7.65 16.39 -26.95
C GLY B 326 -8.15 15.48 -25.86
N GLY B 327 -7.71 14.23 -25.93
CA GLY B 327 -8.02 13.26 -24.90
C GLY B 327 -8.09 11.88 -25.48
N GLY B 328 -9.22 11.22 -25.28
CA GLY B 328 -9.43 9.89 -25.81
C GLY B 328 -9.59 9.94 -27.30
N GLY B 329 -9.67 8.77 -27.92
CA GLY B 329 -9.86 8.68 -29.37
C GLY B 329 -8.99 7.55 -29.89
N TYR B 330 -9.61 6.42 -30.23
CA TYR B 330 -8.88 5.18 -30.41
C TYR B 330 -9.04 4.53 -31.77
N ASN B 331 -9.93 5.06 -32.59
CA ASN B 331 -9.77 4.96 -34.04
C ASN B 331 -8.84 6.10 -34.53
N LEU B 332 -7.55 5.80 -34.69
CA LEU B 332 -6.53 6.84 -34.82
C LEU B 332 -6.80 7.80 -36.01
N ALA B 333 -7.17 7.24 -37.15
CA ALA B 333 -7.44 8.07 -38.30
C ALA B 333 -8.65 8.97 -38.04
N ASN B 334 -9.74 8.38 -37.56
CA ASN B 334 -10.94 9.14 -37.22
C ASN B 334 -10.65 10.24 -36.20
N THR B 335 -9.80 9.93 -35.24
CA THR B 335 -9.38 10.92 -34.26
C THR B 335 -8.66 12.11 -34.92
N ALA B 336 -7.74 11.81 -35.83
CA ALA B 336 -7.05 12.85 -36.63
C ALA B 336 -8.04 13.61 -37.53
N ARG B 337 -8.95 12.90 -38.19
CA ARG B 337 -9.97 13.55 -38.97
C ARG B 337 -10.68 14.59 -38.10
N CYS B 338 -11.07 14.15 -36.90
CA CYS B 338 -11.94 14.94 -36.07
C CYS B 338 -11.23 16.19 -35.59
N TRP B 339 -10.07 16.00 -34.99
CA TRP B 339 -9.32 17.13 -34.46
C TRP B 339 -8.83 18.07 -35.57
N THR B 340 -8.50 17.51 -36.72
CA THR B 340 -8.12 18.33 -37.86
C THR B 340 -9.31 19.20 -38.25
N TYR B 341 -10.46 18.58 -38.40
CA TYR B 341 -11.66 19.31 -38.72
C TYR B 341 -11.94 20.44 -37.72
N LEU B 342 -11.76 20.13 -36.44
CA LEU B 342 -12.05 21.08 -35.36
C LEU B 342 -11.09 22.26 -35.35
N THR B 343 -9.85 21.99 -35.72
CA THR B 343 -8.87 23.04 -35.90
C THR B 343 -9.38 23.97 -37.00
N GLY B 344 -9.94 23.35 -38.05
CA GLY B 344 -10.59 24.09 -39.11
C GLY B 344 -11.61 25.06 -38.56
N VAL B 345 -12.53 24.55 -37.73
CA VAL B 345 -13.58 25.41 -37.17
C VAL B 345 -12.98 26.51 -36.28
N ILE B 346 -11.92 26.22 -35.57
CA ILE B 346 -11.27 27.24 -34.76
C ILE B 346 -10.78 28.37 -35.64
N LEU B 347 -10.23 28.02 -36.79
CA LEU B 347 -9.70 28.99 -37.73
C LEU B 347 -10.75 29.62 -38.63
N GLY B 348 -12.00 29.17 -38.54
CA GLY B 348 -13.05 29.63 -39.43
C GLY B 348 -12.91 29.13 -40.85
N LYS B 349 -12.06 28.13 -41.10
CA LYS B 349 -11.89 27.56 -42.44
C LYS B 349 -12.82 26.39 -42.72
N THR B 350 -13.14 26.18 -44.00
CA THR B 350 -13.82 24.96 -44.47
C THR B 350 -12.79 24.14 -45.22
N LEU B 351 -12.63 22.88 -44.85
CA LEU B 351 -11.58 22.03 -45.43
C LEU B 351 -12.12 21.16 -46.54
N SER B 352 -11.26 20.77 -47.47
CA SER B 352 -11.72 19.99 -48.60
C SER B 352 -12.02 18.56 -48.10
N SER B 353 -13.11 17.99 -48.63
CA SER B 353 -13.51 16.63 -48.36
C SER B 353 -12.41 15.59 -48.67
N GLU B 354 -11.66 15.80 -49.74
CA GLU B 354 -10.60 14.85 -50.10
C GLU B 354 -9.38 14.99 -49.16
N ILE B 355 -8.97 13.86 -48.59
CA ILE B 355 -7.79 13.80 -47.73
C ILE B 355 -6.54 14.08 -48.56
N PRO B 356 -5.78 15.14 -48.22
CA PRO B 356 -4.50 15.38 -48.88
C PRO B 356 -3.54 14.19 -48.74
N ASP B 357 -2.63 14.07 -49.69
CA ASP B 357 -1.58 13.07 -49.62
C ASP B 357 -0.62 13.58 -48.52
N HIS B 358 -0.01 12.65 -47.79
CA HIS B 358 0.91 12.95 -46.68
C HIS B 358 1.37 11.63 -46.08
N GLU B 359 2.23 11.68 -45.05
CA GLU B 359 2.87 10.48 -44.49
C GLU B 359 1.93 9.30 -44.26
N PHE B 360 0.72 9.57 -43.77
CA PHE B 360 -0.21 8.51 -43.31
C PHE B 360 -1.41 8.33 -44.19
N PHE B 361 -1.32 8.78 -45.42
CA PHE B 361 -2.47 8.69 -46.34
C PHE B 361 -3.15 7.32 -46.33
N THR B 362 -2.38 6.24 -46.28
CA THR B 362 -2.93 4.85 -46.36
C THR B 362 -4.00 4.52 -45.30
N ALA B 363 -3.83 5.09 -44.11
CA ALA B 363 -4.74 4.87 -43.00
C ALA B 363 -6.15 5.43 -43.18
N TYR B 364 -6.34 6.28 -44.18
CA TYR B 364 -7.63 6.92 -44.40
C TYR B 364 -8.48 6.17 -45.40
N GLY B 365 -8.10 4.93 -45.68
CA GLY B 365 -8.88 4.11 -46.62
C GLY B 365 -10.10 3.50 -45.95
N PRO B 366 -11.06 3.03 -46.71
CA PRO B 366 -10.99 2.91 -48.15
C PRO B 366 -11.45 4.15 -48.95
N ASP B 367 -12.13 5.10 -48.30
CA ASP B 367 -12.76 6.21 -49.01
C ASP B 367 -11.90 7.49 -49.09
N TYR B 368 -10.89 7.60 -48.24
CA TYR B 368 -9.97 8.75 -48.24
C TYR B 368 -10.65 10.14 -48.18
N VAL B 369 -11.72 10.23 -47.38
CA VAL B 369 -12.41 11.51 -47.14
C VAL B 369 -12.34 11.96 -45.68
N LEU B 370 -12.63 13.23 -45.44
CA LEU B 370 -12.56 13.82 -44.08
C LEU B 370 -13.84 13.57 -43.27
N GLU B 371 -14.98 13.56 -43.95
CA GLU B 371 -16.25 13.30 -43.33
C GLU B 371 -16.33 11.88 -42.79
N ILE B 372 -17.13 11.75 -41.74
CA ILE B 372 -17.30 10.50 -41.03
C ILE B 372 -18.77 10.19 -41.03
N THR B 373 -19.07 8.93 -41.22
CA THR B 373 -20.44 8.50 -41.39
C THR B 373 -20.96 7.82 -40.13
N PRO B 374 -22.10 8.27 -39.61
CA PRO B 374 -22.71 7.58 -38.48
C PRO B 374 -22.99 6.12 -38.80
N SER B 375 -22.86 5.24 -37.81
CA SER B 375 -23.26 3.85 -37.92
C SER B 375 -24.78 3.76 -37.94
N CYS B 376 -25.30 2.56 -38.13
CA CYS B 376 -26.76 2.37 -38.14
C CYS B 376 -27.30 1.82 -36.83
N ARG B 377 -26.62 2.12 -35.73
CA ARG B 377 -27.07 1.64 -34.41
C ARG B 377 -28.20 2.53 -33.85
N PRO B 378 -29.08 1.96 -33.01
CA PRO B 378 -30.19 2.81 -32.52
C PRO B 378 -29.74 3.86 -31.48
N ASP B 379 -30.47 4.96 -31.40
CA ASP B 379 -30.32 5.93 -30.33
C ASP B 379 -31.11 5.47 -29.11
N ARG B 380 -30.41 5.08 -28.04
CA ARG B 380 -31.06 4.62 -26.83
C ARG B 380 -31.40 5.72 -25.85
N ASN B 381 -31.44 6.97 -26.30
CA ASN B 381 -31.78 8.07 -25.40
C ASN B 381 -33.26 8.46 -25.51
N GLU B 382 -34.04 8.02 -24.53
CA GLU B 382 -35.44 8.38 -24.43
C GLU B 382 -35.59 9.88 -24.16
N PRO B 383 -36.32 10.61 -25.02
CA PRO B 383 -36.48 12.08 -24.89
C PRO B 383 -36.97 12.59 -23.54
N HIS B 384 -37.88 11.84 -22.90
CA HIS B 384 -38.42 12.25 -21.59
C HIS B 384 -37.30 12.25 -20.57
N ARG B 385 -36.50 11.19 -20.57
CA ARG B 385 -35.37 11.09 -19.66
C ARG B 385 -34.40 12.26 -19.81
N ILE B 386 -34.07 12.57 -21.05
CA ILE B 386 -33.21 13.70 -21.38
C ILE B 386 -33.79 15.01 -20.83
N GLN B 387 -35.10 15.19 -21.01
CA GLN B 387 -35.75 16.42 -20.55
C GLN B 387 -35.71 16.53 -19.01
N GLN B 388 -35.93 15.42 -18.31
CA GLN B 388 -35.75 15.37 -16.86
C GLN B 388 -34.36 15.88 -16.51
N ILE B 389 -33.36 15.26 -17.13
CA ILE B 389 -31.96 15.57 -16.87
C ILE B 389 -31.69 17.06 -17.07
N LEU B 390 -32.17 17.59 -18.18
CA LEU B 390 -31.93 19.00 -18.46
C LEU B 390 -32.59 19.93 -17.47
N ASN B 391 -33.79 19.60 -17.01
CA ASN B 391 -34.49 20.42 -16.04
C ASN B 391 -33.78 20.38 -14.70
N TYR B 392 -33.47 19.18 -14.26
CA TYR B 392 -32.75 18.98 -13.02
C TYR B 392 -31.54 19.91 -12.97
N ILE B 393 -30.77 19.88 -14.05
CA ILE B 393 -29.60 20.73 -14.17
C ILE B 393 -29.97 22.19 -14.09
N LYS B 394 -30.99 22.62 -14.84
CA LYS B 394 -31.45 24.01 -14.79
C LYS B 394 -31.66 24.42 -13.33
N GLY B 395 -32.40 23.58 -12.62
CA GLY B 395 -32.68 23.77 -11.21
C GLY B 395 -31.41 23.98 -10.40
N ASN B 396 -30.47 23.05 -10.55
CA ASN B 396 -29.17 23.16 -9.89
C ASN B 396 -28.47 24.50 -10.15
N LEU B 397 -28.52 24.96 -11.39
CA LEU B 397 -27.84 26.21 -11.71
C LEU B 397 -28.59 27.46 -11.25
N LYS B 398 -29.86 27.31 -10.85
CA LYS B 398 -30.60 28.41 -10.18
C LYS B 398 -29.83 28.79 -8.92
N HIS B 399 -29.47 27.78 -8.15
CA HIS B 399 -28.74 27.94 -6.89
C HIS B 399 -27.43 28.71 -7.05
N VAL B 400 -26.80 28.56 -8.21
CA VAL B 400 -25.56 29.24 -8.47
C VAL B 400 -25.83 30.74 -8.52
N VAL B 401 -27.10 31.16 -8.50
CA VAL B 401 -27.46 32.59 -8.51
C VAL B 401 -27.96 33.09 -7.14
N LEU C 38 22.45 24.08 17.30
CA LEU C 38 21.20 23.93 16.50
C LEU C 38 21.11 22.55 15.85
N VAL C 39 22.19 22.12 15.19
CA VAL C 39 22.25 20.80 14.55
C VAL C 39 22.94 19.74 15.41
N PRO C 40 22.39 18.52 15.43
CA PRO C 40 22.96 17.50 16.30
C PRO C 40 24.37 17.09 15.94
N VAL C 41 25.19 16.87 16.96
CA VAL C 41 26.49 16.26 16.81
C VAL C 41 26.37 14.75 16.76
N TYR C 42 27.12 14.16 15.84
CA TYR C 42 27.18 12.72 15.67
C TYR C 42 28.64 12.28 15.87
N ILE C 43 28.89 11.58 16.95
CA ILE C 43 30.24 11.18 17.29
C ILE C 43 30.67 10.02 16.40
N TYR C 44 31.64 10.25 15.51
CA TYR C 44 32.07 9.20 14.58
C TYR C 44 33.48 9.33 13.97
N SER C 45 34.13 8.19 13.82
CA SER C 45 35.29 8.05 12.92
C SER C 45 35.46 6.58 12.53
N PRO C 46 36.08 6.32 11.38
CA PRO C 46 36.23 4.91 10.98
C PRO C 46 36.99 4.07 11.97
N GLU C 47 38.02 4.66 12.58
CA GLU C 47 38.87 3.97 13.57
C GLU C 47 38.04 3.60 14.80
N TYR C 48 37.19 4.55 15.24
CA TYR C 48 36.27 4.34 16.37
C TYR C 48 35.24 3.22 16.10
N VAL C 49 34.60 3.27 14.93
CA VAL C 49 33.65 2.21 14.56
C VAL C 49 34.33 0.86 14.43
N SER C 50 35.55 0.87 13.90
CA SER C 50 36.33 -0.35 13.74
C SER C 50 36.68 -0.98 15.07
N MET C 51 37.07 -0.12 16.00
CA MET C 51 37.24 -0.51 17.40
C MET C 51 36.01 -1.18 17.99
N CYS C 52 34.85 -0.53 17.82
CA CYS C 52 33.59 -1.02 18.41
C CYS C 52 33.07 -2.26 17.70
N ASP C 53 33.31 -2.33 16.39
CA ASP C 53 33.09 -3.58 15.68
C ASP C 53 34.09 -4.44 16.38
N SER C 54 34.08 -5.75 16.25
CA SER C 54 35.23 -6.51 16.80
C SER C 54 35.14 -6.81 18.30
N LEU C 55 34.08 -6.34 18.93
CA LEU C 55 33.57 -7.06 20.07
C LEU C 55 32.94 -8.31 19.51
N ALA C 56 33.54 -9.46 19.83
CA ALA C 56 32.83 -10.73 19.69
C ALA C 56 31.57 -10.58 20.56
N LYS C 57 30.51 -11.29 20.19
CA LYS C 57 29.21 -11.23 20.89
C LYS C 57 28.29 -10.26 20.17
N ILE C 58 28.81 -9.10 19.77
CA ILE C 58 28.09 -8.19 18.87
C ILE C 58 28.97 -7.72 17.72
N PRO C 59 29.50 -8.66 16.93
CA PRO C 59 30.47 -8.25 15.93
C PRO C 59 29.85 -7.39 14.82
N LYS C 60 30.57 -6.35 14.42
CA LYS C 60 30.19 -5.47 13.30
C LYS C 60 28.91 -4.62 13.56
N ARG C 61 28.43 -4.56 14.79
CA ARG C 61 27.18 -3.86 15.11
C ARG C 61 27.33 -2.37 14.85
N ALA C 62 28.40 -1.80 15.37
CA ALA C 62 28.69 -0.38 15.18
C ALA C 62 28.74 -0.01 13.70
N SER C 63 29.38 -0.87 12.92
CA SER C 63 29.40 -0.70 11.46
C SER C 63 28.01 -0.77 10.85
N MET C 64 27.21 -1.75 11.28
CA MET C 64 25.85 -1.90 10.76
C MET C 64 24.99 -0.66 11.04
N VAL C 65 25.13 -0.13 12.24
CA VAL C 65 24.37 1.04 12.67
C VAL C 65 24.79 2.29 11.88
N HIS C 66 26.09 2.55 11.80
CA HIS C 66 26.60 3.68 11.05
C HIS C 66 26.27 3.56 9.54
N SER C 67 26.53 2.37 9.02
CA SER C 67 26.31 2.06 7.61
C SER C 67 24.87 2.37 7.19
N LEU C 68 23.93 2.00 8.04
CA LEU C 68 22.52 2.23 7.78
C LEU C 68 22.12 3.71 7.91
N ILE C 69 22.72 4.41 8.87
CA ILE C 69 22.47 5.84 9.07
C ILE C 69 22.94 6.62 7.85
N GLU C 70 24.15 6.29 7.43
CA GLU C 70 24.78 6.84 6.24
C GLU C 70 23.91 6.56 5.02
N ALA C 71 23.42 5.34 4.91
CA ALA C 71 22.60 4.93 3.76
C ALA C 71 21.22 5.58 3.69
N TYR C 72 20.77 6.18 4.77
CA TYR C 72 19.61 7.10 4.74
C TYR C 72 20.07 8.59 4.70
N ALA C 73 21.37 8.80 4.47
CA ALA C 73 21.98 10.13 4.29
C ALA C 73 21.78 11.08 5.46
N LEU C 74 21.65 10.51 6.66
CA LEU C 74 21.33 11.32 7.85
C LEU C 74 22.55 12.05 8.37
N HIS C 75 23.72 11.44 8.18
CA HIS C 75 24.99 12.09 8.52
C HIS C 75 25.14 13.44 7.84
N LYS C 76 24.59 13.58 6.64
CA LYS C 76 24.59 14.86 5.93
C LYS C 76 23.85 15.96 6.65
N GLN C 77 23.04 15.62 7.64
CA GLN C 77 22.29 16.63 8.39
C GLN C 77 22.80 16.80 9.83
N MET C 78 23.97 16.22 10.11
CA MET C 78 24.53 16.26 11.45
C MET C 78 25.98 16.72 11.40
N ARG C 79 26.48 17.20 12.53
CA ARG C 79 27.90 17.58 12.64
C ARG C 79 28.72 16.39 13.10
N ILE C 80 29.51 15.84 12.18
CA ILE C 80 30.33 14.68 12.48
C ILE C 80 31.56 15.13 13.27
N VAL C 81 31.80 14.49 14.40
CA VAL C 81 32.91 14.87 15.27
C VAL C 81 33.72 13.62 15.58
N LYS C 82 35.02 13.66 15.29
CA LYS C 82 35.90 12.55 15.63
C LYS C 82 36.03 12.49 17.15
N PRO C 83 35.82 11.30 17.74
CA PRO C 83 35.95 11.17 19.16
C PRO C 83 37.41 11.15 19.57
N LYS C 84 37.68 11.68 20.76
CA LYS C 84 38.98 11.54 21.39
C LYS C 84 39.05 10.20 22.10
N VAL C 85 40.26 9.76 22.39
CA VAL C 85 40.48 8.58 23.22
C VAL C 85 40.65 9.13 24.61
N ALA C 86 40.03 8.50 25.60
CA ALA C 86 40.11 9.01 26.98
C ALA C 86 41.47 8.74 27.58
N SER C 87 41.96 9.69 28.37
CA SER C 87 43.22 9.53 29.09
C SER C 87 43.00 8.78 30.40
N MET C 88 44.06 8.21 30.93
CA MET C 88 43.98 7.54 32.22
C MET C 88 43.39 8.49 33.27
N GLU C 89 43.79 9.77 33.24
CA GLU C 89 43.23 10.80 34.12
C GLU C 89 41.70 10.86 34.03
N GLU C 90 41.21 11.02 32.81
CA GLU C 90 39.77 11.07 32.56
C GLU C 90 39.01 9.82 33.04
N MET C 91 39.53 8.64 32.74
CA MET C 91 38.85 7.38 33.12
C MET C 91 38.83 7.19 34.62
N ALA C 92 39.88 7.69 35.27
CA ALA C 92 40.01 7.60 36.72
C ALA C 92 39.10 8.56 37.49
N THR C 93 38.38 9.44 36.79
CA THR C 93 37.43 10.32 37.50
C THR C 93 36.32 9.48 38.13
N PHE C 94 36.08 8.29 37.59
CA PHE C 94 35.16 7.33 38.18
C PHE C 94 35.83 6.03 38.62
N HIS C 95 36.64 5.45 37.75
CA HIS C 95 37.24 4.14 38.02
C HIS C 95 38.51 4.23 38.85
N THR C 96 38.83 3.13 39.52
CA THR C 96 40.01 3.08 40.36
C THR C 96 41.22 2.72 39.52
N ASP C 97 42.39 3.18 39.95
CA ASP C 97 43.63 2.93 39.22
C ASP C 97 43.94 1.42 39.20
N ALA C 98 43.68 0.76 40.32
CA ALA C 98 43.89 -0.68 40.42
C ALA C 98 43.13 -1.38 39.31
N TYR C 99 41.89 -0.95 39.11
CA TYR C 99 41.03 -1.57 38.11
C TYR C 99 41.50 -1.23 36.70
N LEU C 100 41.75 0.05 36.43
CA LEU C 100 42.22 0.49 35.11
C LEU C 100 43.53 -0.17 34.70
N GLN C 101 44.47 -0.21 35.65
CA GLN C 101 45.75 -0.90 35.43
C GLN C 101 45.57 -2.38 35.12
N HIS C 102 44.71 -3.05 35.89
CA HIS C 102 44.39 -4.46 35.62
C HIS C 102 43.81 -4.65 34.22
N LEU C 103 42.89 -3.78 33.88
CA LEU C 103 42.24 -3.83 32.57
C LEU C 103 43.29 -3.71 31.49
N GLN C 104 44.23 -2.81 31.71
CA GLN C 104 45.35 -2.57 30.78
C GLN C 104 46.21 -3.82 30.56
N LYS C 105 46.59 -4.47 31.65
CA LYS C 105 47.41 -5.69 31.61
C LYS C 105 46.71 -6.81 30.86
N VAL C 106 45.46 -7.04 31.22
CA VAL C 106 44.66 -8.08 30.58
C VAL C 106 44.44 -7.81 29.08
N SER C 107 44.32 -6.54 28.73
CA SER C 107 44.26 -6.14 27.31
C SER C 107 45.45 -6.69 26.50
N GLN C 108 46.62 -6.84 27.14
CA GLN C 108 47.89 -7.24 26.48
C GLN C 108 47.98 -8.73 26.13
N GLU C 109 47.27 -9.59 26.87
CA GLU C 109 46.93 -10.96 26.41
C GLU C 109 46.15 -11.67 27.49
N TYR C 120 38.05 -8.33 39.72
CA TYR C 120 37.66 -7.17 38.91
C TYR C 120 36.49 -7.41 37.92
N GLY C 121 35.74 -8.49 38.15
CA GLY C 121 34.50 -8.74 37.43
C GLY C 121 34.64 -9.32 36.04
N LEU C 122 35.87 -9.67 35.65
CA LEU C 122 36.09 -10.29 34.37
C LEU C 122 35.78 -11.78 34.50
N GLY C 123 35.35 -12.39 33.41
CA GLY C 123 34.88 -13.77 33.45
C GLY C 123 33.97 -14.03 32.28
N TYR C 124 33.06 -14.99 32.42
CA TYR C 124 32.20 -15.33 31.30
C TYR C 124 31.42 -14.11 30.82
N ASP C 125 30.87 -13.34 31.76
CA ASP C 125 30.04 -12.16 31.44
C ASP C 125 30.82 -10.98 30.87
N CYS C 126 32.07 -10.83 31.31
CA CYS C 126 32.98 -9.86 30.69
C CYS C 126 34.30 -10.51 30.31
N PRO C 127 34.31 -11.25 29.17
CA PRO C 127 35.53 -11.96 28.81
C PRO C 127 36.76 -11.07 28.87
N ALA C 128 37.86 -11.66 29.32
CA ALA C 128 39.10 -10.92 29.47
C ALA C 128 39.88 -10.88 28.15
N THR C 129 39.19 -10.51 27.07
CA THR C 129 39.72 -10.57 25.71
C THR C 129 40.76 -9.47 25.43
N GLU C 130 41.72 -9.78 24.56
CA GLU C 130 42.82 -8.86 24.28
C GLU C 130 42.32 -7.61 23.52
N GLY C 131 42.93 -6.47 23.81
CA GLY C 131 42.58 -5.19 23.16
C GLY C 131 41.42 -4.46 23.81
N ILE C 132 40.94 -4.96 24.94
CA ILE C 132 39.76 -4.43 25.57
C ILE C 132 40.00 -3.08 26.26
N PHE C 133 41.21 -2.80 26.70
CA PHE C 133 41.50 -1.50 27.29
C PHE C 133 41.37 -0.39 26.26
N ASP C 134 41.88 -0.65 25.07
CA ASP C 134 41.85 0.36 24.00
C ASP C 134 40.40 0.63 23.63
N TYR C 135 39.63 -0.46 23.53
CA TYR C 135 38.21 -0.39 23.31
C TYR C 135 37.56 0.51 24.37
N ALA C 136 37.81 0.17 25.64
CA ALA C 136 37.26 0.93 26.76
C ALA C 136 37.53 2.42 26.60
N ALA C 137 38.78 2.75 26.35
CA ALA C 137 39.21 4.14 26.28
C ALA C 137 38.58 4.88 25.10
N ALA C 138 38.38 4.16 24.01
CA ALA C 138 37.75 4.74 22.82
C ALA C 138 36.33 5.21 23.17
N ILE C 139 35.61 4.29 23.80
CA ILE C 139 34.21 4.49 24.12
C ILE C 139 34.00 5.56 25.20
N GLY C 140 34.83 5.51 26.24
CA GLY C 140 34.80 6.55 27.27
C GLY C 140 35.08 7.92 26.66
N GLY C 141 36.11 7.98 25.84
CA GLY C 141 36.47 9.21 25.12
C GLY C 141 35.35 9.73 24.23
N ALA C 142 34.70 8.80 23.53
CA ALA C 142 33.61 9.16 22.63
C ALA C 142 32.51 9.86 23.39
N THR C 143 32.15 9.28 24.54
CA THR C 143 31.05 9.82 25.35
C THR C 143 31.44 11.18 25.95
N ILE C 144 32.70 11.28 26.37
CA ILE C 144 33.21 12.50 26.93
C ILE C 144 33.21 13.59 25.88
N THR C 145 33.73 13.26 24.71
CA THR C 145 33.72 14.19 23.60
C THR C 145 32.31 14.73 23.38
N ALA C 146 31.33 13.82 23.41
CA ALA C 146 29.93 14.20 23.23
C ALA C 146 29.50 15.22 24.28
N ALA C 147 29.89 14.94 25.52
CA ALA C 147 29.55 15.79 26.65
C ALA C 147 30.23 17.16 26.51
N GLN C 148 31.45 17.15 25.99
CA GLN C 148 32.22 18.35 25.77
C GLN C 148 31.58 19.24 24.71
N CYS C 149 31.10 18.63 23.64
CA CYS C 149 30.40 19.40 22.63
C CYS C 149 29.21 20.10 23.27
N LEU C 150 28.52 19.42 24.18
CA LEU C 150 27.31 19.99 24.78
C LEU C 150 27.64 21.14 25.71
N ILE C 151 28.68 20.94 26.51
CA ILE C 151 29.24 21.98 27.37
C ILE C 151 29.56 23.23 26.53
N ASP C 152 30.26 23.01 25.42
CA ASP C 152 30.69 24.08 24.55
C ASP C 152 29.60 24.79 23.78
N GLY C 153 28.35 24.37 23.92
CA GLY C 153 27.26 24.98 23.15
C GLY C 153 27.29 24.69 21.64
N MET C 154 28.18 23.80 21.24
CA MET C 154 28.23 23.31 19.85
C MET C 154 26.90 22.74 19.36
N CYS C 155 26.15 22.14 20.28
CA CYS C 155 24.86 21.54 19.94
C CYS C 155 23.98 21.43 21.18
N LYS C 156 22.72 21.08 20.96
CA LYS C 156 21.78 20.75 22.05
C LYS C 156 21.62 19.23 22.23
N VAL C 157 22.02 18.47 21.21
CA VAL C 157 21.92 17.02 21.22
C VAL C 157 23.19 16.44 20.67
N ALA C 158 23.80 15.51 21.38
CA ALA C 158 25.01 14.87 20.92
C ALA C 158 24.86 13.36 21.06
N ILE C 159 25.32 12.63 20.03
CA ILE C 159 25.01 11.20 19.86
C ILE C 159 26.24 10.31 19.84
N ASN C 160 26.25 9.31 20.71
CA ASN C 160 27.25 8.24 20.65
C ASN C 160 26.58 6.89 20.76
N TRP C 161 26.11 6.37 19.64
CA TRP C 161 25.33 5.11 19.63
C TRP C 161 26.11 3.89 20.13
N SER C 162 27.44 3.94 20.13
CA SER C 162 28.23 2.78 20.59
C SER C 162 28.55 2.85 22.08
N GLY C 163 28.06 3.89 22.74
CA GLY C 163 28.16 3.97 24.19
C GLY C 163 26.91 3.45 24.87
N GLY C 164 26.86 3.68 26.18
CA GLY C 164 25.76 3.29 27.04
C GLY C 164 26.02 2.10 27.93
N TRP C 165 27.28 1.84 28.25
CA TRP C 165 27.65 0.62 28.98
C TRP C 165 27.46 0.80 30.47
N HIS C 166 26.21 0.61 30.87
CA HIS C 166 25.70 1.15 32.11
C HIS C 166 25.88 0.31 33.39
N HIS C 167 26.42 -0.89 33.24
CA HIS C 167 26.61 -1.82 34.37
C HIS C 167 27.95 -1.72 35.08
N ALA C 168 28.94 -1.17 34.41
CA ALA C 168 30.28 -1.19 34.98
C ALA C 168 30.34 -0.42 36.30
N LYS C 169 31.01 -1.00 37.29
CA LYS C 169 31.21 -0.37 38.61
C LYS C 169 32.60 0.25 38.66
N LYS C 170 32.84 1.07 39.68
CA LYS C 170 34.10 1.81 39.74
C LYS C 170 35.35 0.90 39.67
N ASP C 171 35.25 -0.31 40.19
CA ASP C 171 36.40 -1.19 40.23
C ASP C 171 36.07 -2.59 39.74
N GLU C 172 35.07 -2.72 38.90
CA GLU C 172 34.56 -4.02 38.54
C GLU C 172 33.82 -3.94 37.21
N ALA C 173 34.24 -4.77 36.27
CA ALA C 173 33.45 -4.99 35.07
C ALA C 173 32.16 -5.72 35.45
N SER C 174 31.13 -5.58 34.63
CA SER C 174 29.84 -6.20 34.91
C SER C 174 28.91 -6.15 33.69
N GLY C 175 28.20 -7.24 33.45
CA GLY C 175 27.20 -7.30 32.36
C GLY C 175 27.73 -6.81 31.03
N PHE C 176 28.91 -7.31 30.69
CA PHE C 176 29.56 -7.00 29.42
C PHE C 176 29.97 -5.51 29.30
N CYS C 177 30.01 -4.82 30.44
CA CYS C 177 30.44 -3.42 30.50
C CYS C 177 31.78 -3.33 31.23
N TYR C 178 32.80 -2.91 30.49
CA TYR C 178 34.16 -2.82 31.03
C TYR C 178 34.42 -1.46 31.62
N LEU C 179 33.68 -0.46 31.14
CA LEU C 179 33.92 0.90 31.53
C LEU C 179 32.60 1.65 31.41
N ASN C 180 32.23 2.36 32.46
CA ASN C 180 30.98 3.09 32.50
C ASN C 180 31.08 4.46 31.86
N ASP C 181 30.91 4.49 30.53
CA ASP C 181 31.03 5.72 29.78
C ASP C 181 29.90 6.69 30.16
N ALA C 182 28.74 6.16 30.50
CA ALA C 182 27.61 7.00 30.85
C ALA C 182 27.98 7.87 32.04
N VAL C 183 28.55 7.24 33.05
CA VAL C 183 28.99 7.97 34.25
C VAL C 183 30.04 9.06 33.90
N LEU C 184 31.02 8.68 33.10
CA LEU C 184 32.07 9.62 32.72
C LEU C 184 31.45 10.84 32.04
N GLY C 185 30.47 10.60 31.19
CA GLY C 185 29.81 11.68 30.48
C GLY C 185 29.10 12.57 31.46
N ILE C 186 28.39 11.96 32.40
CA ILE C 186 27.64 12.71 33.40
C ILE C 186 28.59 13.59 34.17
N LEU C 187 29.73 13.02 34.56
CA LEU C 187 30.74 13.77 35.33
C LEU C 187 31.27 14.93 34.53
N ARG C 188 31.59 14.71 33.26
CA ARG C 188 32.03 15.81 32.40
C ARG C 188 30.96 16.91 32.35
N LEU C 189 29.72 16.54 32.13
CA LEU C 189 28.61 17.51 32.10
C LEU C 189 28.52 18.36 33.38
N ARG C 190 28.87 17.76 34.51
CA ARG C 190 28.75 18.46 35.80
C ARG C 190 29.62 19.73 35.87
N ARG C 191 30.69 19.80 35.07
CA ARG C 191 31.48 21.02 34.99
C ARG C 191 30.64 22.27 34.73
N LYS C 192 29.64 22.16 33.85
CA LYS C 192 28.76 23.29 33.51
C LYS C 192 27.36 23.20 34.10
N PHE C 193 26.83 21.98 34.19
CA PHE C 193 25.42 21.78 34.56
C PHE C 193 25.29 21.27 35.99
N GLU C 194 24.45 21.94 36.78
CA GLU C 194 24.41 21.70 38.23
C GLU C 194 23.63 20.42 38.54
N ARG C 195 22.53 20.24 37.82
CA ARG C 195 21.65 19.09 38.03
C ARG C 195 21.50 18.31 36.73
N ILE C 196 21.73 17.01 36.81
CA ILE C 196 21.69 16.16 35.61
C ILE C 196 20.74 14.97 35.76
N LEU C 197 19.93 14.76 34.72
CA LEU C 197 18.97 13.66 34.69
C LEU C 197 19.48 12.54 33.81
N TYR C 198 19.63 11.36 34.40
CA TYR C 198 19.96 10.17 33.63
C TYR C 198 18.70 9.32 33.45
N VAL C 199 18.37 9.04 32.20
CA VAL C 199 17.20 8.22 31.86
C VAL C 199 17.68 7.01 31.06
N ASP C 200 17.22 5.86 31.51
CA ASP C 200 17.78 4.59 31.05
C ASP C 200 16.64 3.66 30.60
N LEU C 201 16.45 3.61 29.28
CA LEU C 201 15.37 2.83 28.67
C LEU C 201 15.80 1.45 28.16
N ASP C 202 17.04 1.07 28.41
CA ASP C 202 17.51 -0.30 28.20
C ASP C 202 16.61 -1.27 28.97
N LEU C 203 16.58 -2.49 28.49
CA LEU C 203 15.79 -3.54 29.12
C LEU C 203 16.27 -3.78 30.54
N HIS C 204 17.58 -3.61 30.74
CA HIS C 204 18.19 -3.89 32.02
C HIS C 204 18.24 -2.66 32.92
N HIS C 205 18.19 -2.93 34.23
CA HIS C 205 18.41 -1.91 35.27
C HIS C 205 19.80 -1.28 35.13
N GLY C 206 19.83 0.04 35.12
CA GLY C 206 21.07 0.81 34.96
C GLY C 206 21.78 0.95 36.29
N ASP C 207 22.26 -0.18 36.82
CA ASP C 207 22.73 -0.25 38.19
C ASP C 207 24.07 0.46 38.40
N GLY C 208 24.98 0.31 37.44
CA GLY C 208 26.32 0.91 37.53
C GLY C 208 26.22 2.41 37.67
N VAL C 209 25.34 3.01 36.89
CA VAL C 209 25.17 4.43 36.87
C VAL C 209 24.43 4.87 38.13
N GLU C 210 23.37 4.15 38.48
CA GLU C 210 22.61 4.46 39.69
C GLU C 210 23.52 4.48 40.92
N ASP C 211 24.28 3.40 41.08
CA ASP C 211 25.14 3.21 42.24
C ASP C 211 26.14 4.33 42.35
N ALA C 212 26.66 4.78 41.22
CA ALA C 212 27.65 5.85 41.20
C ALA C 212 27.09 7.15 41.79
N PHE C 213 25.78 7.35 41.68
CA PHE C 213 25.16 8.57 42.12
C PHE C 213 24.08 8.34 43.17
N SER C 214 24.06 7.15 43.77
CA SER C 214 22.98 6.82 44.69
C SER C 214 22.98 7.70 45.94
N PHE C 215 24.16 8.23 46.32
CA PHE C 215 24.32 9.06 47.53
C PHE C 215 24.27 10.56 47.27
N THR C 216 23.95 10.96 46.05
CA THR C 216 23.83 12.38 45.73
C THR C 216 22.49 12.73 45.09
N SER C 217 22.08 13.98 45.35
CA SER C 217 20.91 14.63 44.76
C SER C 217 21.30 15.49 43.54
N LYS C 218 22.58 15.60 43.23
CA LYS C 218 22.99 16.38 42.06
C LYS C 218 22.74 15.66 40.73
N VAL C 219 22.59 14.34 40.80
CA VAL C 219 22.25 13.53 39.65
C VAL C 219 21.03 12.70 40.02
N MET C 220 19.99 12.80 39.21
CA MET C 220 18.87 11.87 39.31
C MET C 220 18.93 10.79 38.22
N THR C 221 18.78 9.54 38.65
CA THR C 221 18.73 8.41 37.71
C THR C 221 17.30 7.87 37.66
N VAL C 222 16.82 7.65 36.44
CA VAL C 222 15.52 7.02 36.19
C VAL C 222 15.74 5.82 35.27
N SER C 223 15.34 4.64 35.74
CA SER C 223 15.43 3.42 34.90
C SER C 223 14.10 2.72 34.79
N LEU C 224 13.71 2.43 33.54
CA LEU C 224 12.63 1.48 33.21
C LEU C 224 13.30 0.19 32.78
N HIS C 225 12.85 -0.93 33.34
CA HIS C 225 13.54 -2.20 33.06
C HIS C 225 12.73 -3.37 33.52
N LYS C 226 13.08 -4.51 32.97
CA LYS C 226 12.50 -5.74 33.42
C LYS C 226 13.05 -6.01 34.80
N PHE C 227 12.14 -6.37 35.72
CA PHE C 227 12.50 -6.82 37.05
C PHE C 227 11.82 -8.14 37.34
N SER C 228 12.63 -9.17 37.59
CA SER C 228 12.13 -10.54 37.70
C SER C 228 13.13 -11.49 38.33
N PRO C 229 12.64 -12.44 39.14
CA PRO C 229 13.56 -13.31 39.86
C PRO C 229 14.51 -14.00 38.91
N GLY C 230 15.80 -13.83 39.12
CA GLY C 230 16.82 -14.42 38.26
C GLY C 230 17.31 -13.52 37.13
N PHE C 231 16.54 -12.49 36.78
CA PHE C 231 16.89 -11.63 35.64
C PHE C 231 17.96 -10.64 36.04
N PHE C 232 18.99 -10.57 35.22
CA PHE C 232 20.13 -9.69 35.47
C PHE C 232 19.75 -8.18 35.43
N PRO C 233 20.35 -7.35 36.28
CA PRO C 233 21.31 -7.75 37.30
C PRO C 233 20.67 -8.09 38.65
N GLY C 234 19.34 -8.10 38.71
CA GLY C 234 18.67 -8.49 39.93
C GLY C 234 18.24 -7.30 40.77
N THR C 235 18.82 -6.14 40.50
CA THR C 235 18.54 -4.93 41.28
C THR C 235 17.48 -4.10 40.58
N GLY C 236 17.03 -3.05 41.26
CA GLY C 236 16.12 -2.08 40.65
C GLY C 236 14.64 -2.19 40.95
N ASP C 237 14.26 -2.74 42.09
CA ASP C 237 12.84 -2.74 42.45
C ASP C 237 12.37 -1.29 42.69
N VAL C 238 11.07 -1.03 42.67
CA VAL C 238 10.57 0.36 42.80
C VAL C 238 10.98 1.01 44.14
N SER C 239 11.17 0.19 45.17
CA SER C 239 11.61 0.66 46.50
C SER C 239 13.11 1.01 46.59
N ASP C 240 13.86 0.77 45.51
CA ASP C 240 15.20 1.31 45.35
C ASP C 240 15.06 2.81 45.04
N VAL C 241 15.44 3.64 46.00
CA VAL C 241 15.20 5.09 45.89
C VAL C 241 16.42 5.97 46.13
N GLY C 242 17.56 5.37 46.45
CA GLY C 242 18.78 6.12 46.79
C GLY C 242 19.02 6.15 48.29
N LEU C 243 20.13 6.78 48.68
CA LEU C 243 20.58 6.77 50.07
C LEU C 243 21.18 8.11 50.51
N GLY C 244 21.14 8.34 51.82
CA GLY C 244 21.58 9.60 52.41
C GLY C 244 20.94 10.78 51.70
N LYS C 245 21.78 11.69 51.21
CA LYS C 245 21.30 12.89 50.50
C LYS C 245 20.69 12.53 49.15
N GLY C 246 21.07 11.36 48.63
CA GLY C 246 20.51 10.83 47.38
C GLY C 246 19.17 10.09 47.46
N ARG C 247 18.69 9.88 48.67
CA ARG C 247 17.37 9.28 48.89
C ARG C 247 16.29 10.04 48.13
N TYR C 248 15.49 9.30 47.36
CA TYR C 248 14.47 9.84 46.40
C TYR C 248 15.05 10.34 45.07
N TYR C 249 16.37 10.29 44.91
CA TYR C 249 17.01 10.77 43.67
C TYR C 249 17.53 9.58 42.83
N SER C 250 16.92 8.42 43.09
CA SER C 250 16.97 7.24 42.24
C SER C 250 15.52 6.84 42.00
N VAL C 251 15.14 6.74 40.72
CA VAL C 251 13.79 6.26 40.35
C VAL C 251 13.90 4.94 39.59
N ASN C 252 13.06 3.99 39.98
CA ASN C 252 13.07 2.68 39.34
C ASN C 252 11.68 2.17 39.03
N VAL C 253 11.49 1.74 37.79
CA VAL C 253 10.20 1.26 37.30
C VAL C 253 10.35 -0.18 36.85
N PRO C 254 9.98 -1.13 37.72
CA PRO C 254 10.09 -2.54 37.38
C PRO C 254 8.93 -2.94 36.48
N ILE C 255 9.26 -3.59 35.38
CA ILE C 255 8.26 -3.92 34.37
C ILE C 255 8.37 -5.39 34.03
N GLN C 256 7.22 -5.99 33.74
CA GLN C 256 7.17 -7.41 33.34
C GLN C 256 7.17 -7.63 31.80
N ASP C 257 7.48 -8.87 31.41
CA ASP C 257 7.48 -9.28 30.00
C ASP C 257 6.26 -8.85 29.18
N GLY C 258 6.53 -8.59 27.89
CA GLY C 258 5.46 -8.42 26.89
C GLY C 258 4.86 -7.04 26.80
N ILE C 259 5.54 -6.05 27.37
CA ILE C 259 5.04 -4.68 27.29
C ILE C 259 5.19 -4.14 25.86
N GLN C 260 4.20 -3.35 25.44
CA GLN C 260 4.18 -2.74 24.12
C GLN C 260 4.20 -1.23 24.16
N ASP C 261 4.38 -0.66 22.98
CA ASP C 261 4.61 0.77 22.80
C ASP C 261 3.68 1.67 23.57
N GLU C 262 2.37 1.46 23.43
CA GLU C 262 1.43 2.42 23.99
C GLU C 262 1.56 2.48 25.51
N LYS C 263 1.52 1.31 26.15
CA LYS C 263 1.53 1.24 27.61
C LYS C 263 2.84 1.73 28.19
N TYR C 264 3.94 1.35 27.55
CA TYR C 264 5.26 1.79 27.94
C TYR C 264 5.34 3.31 27.93
N TYR C 265 4.90 3.93 26.85
CA TYR C 265 4.90 5.38 26.77
C TYR C 265 4.06 6.02 27.88
N GLN C 266 2.87 5.48 28.13
CA GLN C 266 2.04 5.99 29.22
C GLN C 266 2.83 6.01 30.53
N ILE C 267 3.46 4.87 30.83
CA ILE C 267 4.33 4.75 32.00
C ILE C 267 5.44 5.78 31.95
N CYS C 268 6.20 5.75 30.86
CA CYS C 268 7.36 6.60 30.75
C CYS C 268 6.98 8.07 30.93
N GLU C 269 6.01 8.52 30.17
CA GLU C 269 5.63 9.92 30.17
C GLU C 269 5.05 10.35 31.51
N SER C 270 4.27 9.46 32.10
CA SER C 270 3.72 9.72 33.42
C SER C 270 4.88 10.01 34.40
N VAL C 271 5.86 9.11 34.43
CA VAL C 271 7.05 9.28 35.28
C VAL C 271 7.90 10.52 34.94
N LEU C 272 8.18 10.74 33.65
CA LEU C 272 9.08 11.83 33.29
C LEU C 272 8.47 13.20 33.57
N LYS C 273 7.16 13.33 33.45
CA LYS C 273 6.48 14.58 33.79
C LYS C 273 6.75 14.94 35.25
N GLU C 274 6.51 13.98 36.14
CA GLU C 274 6.72 14.19 37.59
C GLU C 274 8.18 14.59 37.82
N VAL C 275 9.09 13.89 37.14
CA VAL C 275 10.52 14.08 37.33
C VAL C 275 10.99 15.46 36.91
N TYR C 276 10.56 15.89 35.73
CA TYR C 276 10.91 17.22 35.23
C TYR C 276 10.50 18.31 36.24
N GLN C 277 9.25 18.24 36.68
CA GLN C 277 8.71 19.18 37.64
C GLN C 277 9.48 19.19 38.96
N ALA C 278 9.72 18.00 39.50
CA ALA C 278 10.36 17.83 40.80
C ALA C 278 11.86 18.11 40.78
N PHE C 279 12.54 17.71 39.73
CA PHE C 279 14.02 17.75 39.70
C PHE C 279 14.51 18.93 38.90
N ASN C 280 13.73 19.35 37.92
CA ASN C 280 14.08 20.49 37.10
C ASN C 280 15.52 20.44 36.59
N PRO C 281 15.84 19.43 35.76
CA PRO C 281 17.23 19.24 35.34
C PRO C 281 17.72 20.28 34.35
N LYS C 282 19.05 20.47 34.34
CA LYS C 282 19.71 21.39 33.41
C LYS C 282 20.33 20.67 32.20
N ALA C 283 20.58 19.38 32.35
CA ALA C 283 21.05 18.55 31.24
C ALA C 283 20.58 17.11 31.40
N VAL C 284 20.64 16.36 30.30
CA VAL C 284 20.10 14.99 30.25
C VAL C 284 21.02 14.02 29.54
N VAL C 285 21.23 12.87 30.18
CA VAL C 285 21.91 11.75 29.53
C VAL C 285 20.89 10.61 29.38
N LEU C 286 20.79 10.10 28.16
CA LEU C 286 19.68 9.21 27.77
C LEU C 286 20.21 7.93 27.13
N GLN C 287 19.99 6.82 27.81
CA GLN C 287 20.48 5.52 27.35
C GLN C 287 19.33 4.81 26.67
N LEU C 288 19.56 4.34 25.44
CA LEU C 288 18.47 3.81 24.59
C LEU C 288 18.75 2.42 24.05
N GLY C 289 19.35 1.58 24.88
CA GLY C 289 19.53 0.17 24.55
C GLY C 289 18.31 -0.44 23.85
N ALA C 290 18.55 -1.11 22.74
CA ALA C 290 17.48 -1.67 21.92
C ALA C 290 17.15 -3.14 22.19
N ASP C 291 17.58 -3.65 23.33
CA ASP C 291 17.22 -5.01 23.72
C ASP C 291 15.82 -5.12 24.26
N THR C 292 15.06 -4.05 24.19
CA THR C 292 13.64 -4.06 24.52
C THR C 292 12.80 -4.38 23.30
N ILE C 293 13.44 -4.41 22.14
CA ILE C 293 12.73 -4.44 20.88
C ILE C 293 12.32 -5.86 20.54
N ALA C 294 11.08 -6.00 20.11
CA ALA C 294 10.57 -7.26 19.57
C ALA C 294 11.60 -7.91 18.63
N GLY C 295 11.89 -9.18 18.86
CA GLY C 295 12.86 -9.92 18.06
C GLY C 295 14.22 -10.07 18.71
N ASP C 296 14.40 -9.50 19.89
CA ASP C 296 15.72 -9.55 20.51
C ASP C 296 15.86 -10.91 21.17
N PRO C 297 17.07 -11.49 21.17
CA PRO C 297 17.28 -12.75 21.88
C PRO C 297 16.77 -12.71 23.34
N MET C 298 16.97 -11.58 24.01
CA MET C 298 16.41 -11.34 25.36
C MET C 298 14.94 -11.70 25.47
N CYS C 299 14.22 -11.51 24.39
CA CYS C 299 12.89 -12.03 24.28
C CYS C 299 12.08 -11.74 25.54
N SER C 300 12.01 -10.48 25.93
CA SER C 300 11.28 -10.08 27.14
C SER C 300 10.24 -9.00 26.87
N PHE C 301 10.69 -7.82 26.47
CA PHE C 301 9.75 -6.74 26.13
C PHE C 301 9.30 -6.95 24.69
N ASN C 302 8.26 -6.22 24.30
CA ASN C 302 7.68 -6.34 22.96
C ASN C 302 7.45 -4.97 22.31
N MET C 303 8.53 -4.20 22.29
CA MET C 303 8.48 -2.82 21.84
C MET C 303 8.91 -2.67 20.40
N THR C 304 8.58 -1.52 19.84
CA THR C 304 9.10 -1.11 18.53
C THR C 304 9.76 0.25 18.67
N PRO C 305 10.59 0.63 17.69
CA PRO C 305 11.28 1.89 17.81
C PRO C 305 10.37 3.09 17.85
N VAL C 306 9.16 2.95 17.34
CA VAL C 306 8.19 4.03 17.40
C VAL C 306 7.87 4.37 18.85
N GLY C 307 7.64 3.34 19.66
CA GLY C 307 7.33 3.55 21.08
C GLY C 307 8.45 4.28 21.78
N ILE C 308 9.67 3.81 21.55
CA ILE C 308 10.85 4.43 22.16
C ILE C 308 11.01 5.85 21.64
N GLY C 309 10.76 6.04 20.36
CA GLY C 309 10.84 7.36 19.75
C GLY C 309 9.94 8.37 20.41
N LYS C 310 8.73 7.97 20.75
CA LYS C 310 7.81 8.87 21.45
C LYS C 310 8.41 9.35 22.76
N CYS C 311 8.98 8.41 23.50
CA CYS C 311 9.68 8.74 24.75
C CYS C 311 10.81 9.73 24.49
N LEU C 312 11.53 9.48 23.41
CA LEU C 312 12.60 10.35 23.02
C LEU C 312 12.08 11.75 22.72
N LYS C 313 11.05 11.84 21.89
CA LYS C 313 10.44 13.14 21.56
C LYS C 313 10.11 13.92 22.81
N TYR C 314 9.50 13.25 23.76
CA TYR C 314 9.08 13.88 24.98
C TYR C 314 10.26 14.56 25.72
N ILE C 315 11.38 13.87 25.79
CA ILE C 315 12.57 14.44 26.41
C ILE C 315 13.10 15.60 25.57
N LEU C 316 13.16 15.40 24.26
CA LEU C 316 13.65 16.43 23.35
C LEU C 316 12.87 17.74 23.48
N GLN C 317 11.55 17.66 23.60
CA GLN C 317 10.75 18.88 23.71
C GLN C 317 11.10 19.74 24.94
N TRP C 318 11.84 19.19 25.89
CA TRP C 318 12.39 20.00 26.99
C TRP C 318 13.48 20.98 26.55
N GLN C 319 14.09 20.76 25.39
CA GLN C 319 15.11 21.64 24.83
C GLN C 319 16.37 21.76 25.66
N LEU C 320 16.67 20.74 26.46
CA LEU C 320 17.88 20.73 27.26
C LEU C 320 19.04 20.07 26.54
N ALA C 321 20.24 20.34 27.02
CA ALA C 321 21.44 19.68 26.52
C ALA C 321 21.26 18.18 26.73
N THR C 322 21.36 17.41 25.66
CA THR C 322 20.99 15.99 25.69
C THR C 322 22.06 15.08 25.09
N LEU C 323 22.57 14.18 25.92
CA LEU C 323 23.58 13.24 25.51
C LEU C 323 22.87 11.90 25.26
N ILE C 324 22.92 11.46 24.00
CA ILE C 324 22.23 10.24 23.54
C ILE C 324 23.18 9.07 23.40
N LEU C 325 22.81 7.97 24.03
CA LEU C 325 23.64 6.77 24.06
C LEU C 325 22.86 5.53 23.65
N GLY C 326 23.62 4.57 23.13
CA GLY C 326 23.08 3.28 22.79
C GLY C 326 23.05 2.40 24.01
N GLY C 327 23.51 1.18 23.83
CA GLY C 327 23.65 0.25 24.93
C GLY C 327 23.50 -1.17 24.46
N GLY C 328 22.56 -1.88 25.07
CA GLY C 328 22.26 -3.25 24.67
C GLY C 328 21.56 -3.27 23.32
N GLY C 329 21.36 -4.46 22.79
CA GLY C 329 20.68 -4.64 21.50
C GLY C 329 21.38 -5.73 20.73
N TYR C 330 20.77 -6.91 20.72
CA TYR C 330 21.48 -8.13 20.30
C TYR C 330 20.90 -8.82 19.07
N ASN C 331 19.77 -8.35 18.58
CA ASN C 331 19.39 -8.57 17.20
C ASN C 331 19.99 -7.42 16.40
N LEU C 332 21.12 -7.67 15.76
CA LEU C 332 21.94 -6.58 15.24
C LEU C 332 21.24 -5.71 14.21
N ALA C 333 20.54 -6.33 13.27
CA ALA C 333 19.81 -5.57 12.26
C ALA C 333 18.72 -4.72 12.91
N ASN C 334 17.94 -5.34 13.79
CA ASN C 334 16.91 -4.62 14.49
C ASN C 334 17.45 -3.46 15.30
N THR C 335 18.61 -3.66 15.93
CA THR C 335 19.25 -2.62 16.72
C THR C 335 19.65 -1.45 15.82
N ALA C 336 20.21 -1.75 14.66
CA ALA C 336 20.45 -0.72 13.63
C ALA C 336 19.15 -0.06 13.12
N ARG C 337 18.12 -0.86 12.85
CA ARG C 337 16.85 -0.29 12.45
C ARG C 337 16.42 0.75 13.49
N CYS C 338 16.50 0.34 14.75
CA CYS C 338 15.95 1.14 15.83
C CYS C 338 16.69 2.46 15.97
N TRP C 339 18.00 2.37 16.11
CA TRP C 339 18.81 3.56 16.32
C TRP C 339 18.81 4.46 15.10
N THR C 340 18.78 3.86 13.92
CA THR C 340 18.65 4.65 12.70
C THR C 340 17.35 5.42 12.74
N TYR C 341 16.27 4.74 13.05
CA TYR C 341 14.96 5.38 13.16
C TYR C 341 14.99 6.53 14.17
N LEU C 342 15.62 6.31 15.31
CA LEU C 342 15.65 7.29 16.39
C LEU C 342 16.48 8.53 16.04
N THR C 343 17.52 8.31 15.24
CA THR C 343 18.29 9.41 14.70
C THR C 343 17.36 10.24 13.82
N GLY C 344 16.53 9.54 13.05
CA GLY C 344 15.47 10.20 12.27
C GLY C 344 14.64 11.13 13.14
N VAL C 345 14.12 10.61 14.24
CA VAL C 345 13.27 11.45 15.12
C VAL C 345 14.07 12.61 15.70
N ILE C 346 15.35 12.40 16.02
CA ILE C 346 16.17 13.49 16.53
C ILE C 346 16.23 14.61 15.50
N LEU C 347 16.35 14.22 14.23
CA LEU C 347 16.43 15.19 13.12
C LEU C 347 15.10 15.73 12.64
N GLY C 348 14.00 15.21 13.19
CA GLY C 348 12.66 15.58 12.71
C GLY C 348 12.32 15.02 11.34
N LYS C 349 13.09 14.06 10.85
CA LYS C 349 12.81 13.43 9.53
C LYS C 349 11.93 12.18 9.64
N THR C 350 11.20 11.88 8.58
CA THR C 350 10.50 10.59 8.48
C THR C 350 11.24 9.81 7.39
N LEU C 351 11.62 8.57 7.70
CA LEU C 351 12.45 7.78 6.78
C LEU C 351 11.62 6.85 5.93
N SER C 352 12.15 6.46 4.78
CA SER C 352 11.39 5.59 3.90
C SER C 352 11.39 4.20 4.50
N SER C 353 10.24 3.54 4.40
CA SER C 353 10.08 2.15 4.83
C SER C 353 11.08 1.19 4.16
N GLU C 354 11.38 1.40 2.87
CA GLU C 354 12.30 0.49 2.20
C GLU C 354 13.76 0.74 2.63
N ILE C 355 14.43 -0.33 3.07
CA ILE C 355 15.83 -0.28 3.45
C ILE C 355 16.67 0.03 2.23
N PRO C 356 17.47 1.12 2.27
CA PRO C 356 18.39 1.44 1.17
C PRO C 356 19.43 0.37 1.00
N ASP C 357 19.96 0.24 -0.21
CA ASP C 357 21.06 -0.68 -0.47
C ASP C 357 22.28 -0.09 0.19
N HIS C 358 23.18 -0.96 0.67
CA HIS C 358 24.40 -0.56 1.39
C HIS C 358 25.14 -1.85 1.78
N GLU C 359 26.30 -1.71 2.43
CA GLU C 359 27.16 -2.85 2.75
C GLU C 359 26.41 -4.09 3.32
N PHE C 360 25.44 -3.86 4.20
CA PHE C 360 24.82 -4.94 4.99
C PHE C 360 23.38 -5.22 4.61
N PHE C 361 22.99 -4.80 3.41
CA PHE C 361 21.62 -4.99 2.95
C PHE C 361 21.08 -6.41 3.22
N THR C 362 21.88 -7.44 3.02
CA THR C 362 21.44 -8.85 3.16
C THR C 362 20.84 -9.17 4.54
N ALA C 363 21.38 -8.56 5.58
CA ALA C 363 20.94 -8.81 6.96
C ALA C 363 19.52 -8.34 7.26
N TYR C 364 18.94 -7.53 6.38
CA TYR C 364 17.60 -7.00 6.61
C TYR C 364 16.51 -7.83 5.94
N GLY C 365 16.85 -9.06 5.55
CA GLY C 365 15.88 -9.96 4.93
C GLY C 365 15.03 -10.63 5.99
N PRO C 366 13.88 -11.20 5.62
CA PRO C 366 13.46 -11.35 4.21
C PRO C 366 12.63 -10.19 3.66
N ASP C 367 12.18 -9.28 4.51
CA ASP C 367 11.28 -8.21 4.07
C ASP C 367 11.96 -6.89 3.70
N TYR C 368 13.20 -6.68 4.16
CA TYR C 368 13.98 -5.46 3.83
C TYR C 368 13.27 -4.14 4.09
N VAL C 369 12.55 -4.09 5.21
CA VAL C 369 11.91 -2.84 5.65
C VAL C 369 12.47 -2.33 7.01
N LEU C 370 12.19 -1.07 7.31
CA LEU C 370 12.67 -0.43 8.53
C LEU C 370 11.78 -0.76 9.72
N GLU C 371 10.47 -0.83 9.49
CA GLU C 371 9.52 -1.10 10.56
C GLU C 371 9.74 -2.48 11.15
N ILE C 372 9.37 -2.57 12.42
CA ILE C 372 9.52 -3.78 13.21
C ILE C 372 8.16 -4.19 13.74
N THR C 373 7.91 -5.50 13.70
CA THR C 373 6.59 -6.02 14.05
C THR C 373 6.58 -6.66 15.44
N PRO C 374 5.66 -6.21 16.32
CA PRO C 374 5.53 -6.84 17.64
C PRO C 374 5.23 -8.33 17.49
N SER C 375 5.77 -9.14 18.39
CA SER C 375 5.40 -10.57 18.46
C SER C 375 3.98 -10.71 18.95
N CYS C 376 3.39 -11.89 18.83
CA CYS C 376 2.12 -12.18 19.50
C CYS C 376 2.39 -12.95 20.78
N ARG C 377 2.70 -12.20 21.84
CA ARG C 377 2.99 -12.73 23.16
C ARG C 377 2.15 -11.91 24.09
N PRO C 378 1.81 -12.47 25.27
CA PRO C 378 0.95 -11.71 26.16
C PRO C 378 1.70 -10.60 26.93
N ASP C 379 0.98 -9.53 27.22
CA ASP C 379 1.48 -8.49 28.10
C ASP C 379 1.22 -8.92 29.55
N ARG C 380 2.27 -9.24 30.29
CA ARG C 380 2.12 -9.71 31.66
C ARG C 380 2.07 -8.57 32.69
N ASN C 381 1.76 -7.35 32.24
CA ASN C 381 1.70 -6.22 33.17
C ASN C 381 0.27 -5.88 33.59
N GLU C 382 -0.10 -6.33 34.79
CA GLU C 382 -1.43 -6.11 35.36
C GLU C 382 -1.57 -4.60 35.64
N PRO C 383 -2.61 -3.95 35.08
CA PRO C 383 -2.77 -2.47 35.20
C PRO C 383 -2.78 -1.92 36.62
N HIS C 384 -3.36 -2.69 37.54
CA HIS C 384 -3.43 -2.29 38.93
C HIS C 384 -2.02 -2.20 39.52
N ARG C 385 -1.19 -3.21 39.25
CA ARG C 385 0.21 -3.22 39.72
C ARG C 385 0.98 -1.99 39.21
N ILE C 386 0.82 -1.71 37.91
CA ILE C 386 1.42 -0.52 37.28
C ILE C 386 0.97 0.76 37.95
N GLN C 387 -0.33 0.86 38.26
CA GLN C 387 -0.84 2.05 38.92
C GLN C 387 -0.27 2.23 40.33
N GLN C 388 -0.13 1.13 41.08
CA GLN C 388 0.55 1.17 42.39
C GLN C 388 1.93 1.77 42.23
N ILE C 389 2.70 1.17 41.31
CA ILE C 389 4.06 1.59 41.04
C ILE C 389 4.13 3.09 40.70
N LEU C 390 3.27 3.54 39.81
CA LEU C 390 3.26 4.96 39.41
C LEU C 390 2.94 5.92 40.55
N ASN C 391 2.00 5.53 41.42
CA ASN C 391 1.63 6.35 42.57
C ASN C 391 2.75 6.42 43.60
N TYR C 392 3.29 5.26 43.94
CA TYR C 392 4.43 5.17 44.83
C TYR C 392 5.51 6.17 44.40
N ILE C 393 5.85 6.12 43.11
CA ILE C 393 6.84 7.04 42.53
C ILE C 393 6.43 8.49 42.66
N LYS C 394 5.19 8.82 42.30
CA LYS C 394 4.71 10.20 42.44
C LYS C 394 4.94 10.67 43.89
N GLY C 395 4.57 9.83 44.86
CA GLY C 395 4.79 10.09 46.28
C GLY C 395 6.24 10.38 46.60
N ASN C 396 7.13 9.51 46.16
CA ASN C 396 8.57 9.73 46.32
C ASN C 396 9.04 11.09 45.77
N LEU C 397 8.54 11.48 44.62
CA LEU C 397 8.97 12.74 44.02
C LEU C 397 8.35 13.98 44.67
N LYS C 398 7.32 13.79 45.50
CA LYS C 398 6.81 14.89 46.34
C LYS C 398 7.94 15.40 47.22
N HIS C 399 8.61 14.45 47.87
CA HIS C 399 9.73 14.74 48.76
C HIS C 399 10.84 15.57 48.11
N VAL C 400 11.04 15.41 46.81
CA VAL C 400 12.10 16.12 46.11
C VAL C 400 11.86 17.65 46.02
#